data_4BZF
#
_entry.id   4BZF
#
_cell.length_a   82.190
_cell.length_b   83.322
_cell.length_c   124.446
_cell.angle_alpha   90.00
_cell.angle_beta   90.00
_cell.angle_gamma   90.00
#
_symmetry.space_group_name_H-M   'P 21 21 2'
#
loop_
_entity.id
_entity.type
_entity.pdbx_description
1 polymer 'ALDOSE 1-EPIMERASE'
2 branched alpha-D-glucopyranose-(1-1)-alpha-D-glucopyranose
3 non-polymer 'TRIETHYLENE GLYCOL'
4 non-polymer 'CITRIC ACID'
5 non-polymer 'ACETATE ION'
6 water water
#
_entity_poly.entity_id   1
_entity_poly.type   'polypeptide(L)'
_entity_poly.pdbx_seq_one_letter_code
;ANFIEKITYLGTPAIKAGNEHLEMIVVPEWGSNVISLVDKTTNVQLLREPETAESFHDTPTLYGIPILFPPNRISDGTFS
FRGRTYHFDINEKDKHNHLHGFLYHEKWNVVTTKQTDEGVIVETEIDLSELPHVQKQFPHHAVVRMTYTIKENTLFKHAT
VMNKGKEAFPWGIGYHTTFIFPAESSLFSLTADQQWELDERLLPTGKLMDVPYKEALHEGMDLRHKQLDDVFLSSYQKRG
GENQAVIYHQHAHISIIYKADEQFKHWVVYNADGKQGYLCPEPYTWVTNAVNLDLPSSLTGLQVLEPGEETTAKSSITIE
LNHQ
;
_entity_poly.pdbx_strand_id   A,B
#
loop_
_chem_comp.id
_chem_comp.type
_chem_comp.name
_chem_comp.formula
ACT non-polymer 'ACETATE ION' 'C2 H3 O2 -1'
CIT non-polymer 'CITRIC ACID' 'C6 H8 O7'
GLC D-saccharide, alpha linking alpha-D-glucopyranose 'C6 H12 O6'
PGE non-polymer 'TRIETHYLENE GLYCOL' 'C6 H14 O4'
#
# COMPACT_ATOMS: atom_id res chain seq x y z
N ALA A 1 -14.92 -5.54 -5.61
CA ALA A 1 -13.58 -5.11 -6.04
C ALA A 1 -13.16 -4.02 -5.09
N ASN A 2 -11.86 -3.90 -4.82
CA ASN A 2 -11.38 -2.89 -3.89
C ASN A 2 -9.95 -2.46 -4.25
N PHE A 3 -9.49 -1.37 -3.68
CA PHE A 3 -8.23 -0.75 -4.09
C PHE A 3 -7.52 -0.05 -2.92
N ILE A 4 -6.20 0.03 -3.01
CA ILE A 4 -5.41 0.96 -2.18
C ILE A 4 -4.59 1.86 -3.11
N GLU A 5 -4.44 3.12 -2.73
CA GLU A 5 -3.74 4.08 -3.57
C GLU A 5 -3.02 5.13 -2.71
N LYS A 6 -1.69 5.14 -2.74
CA LYS A 6 -0.94 6.22 -2.07
C LYS A 6 -1.20 7.59 -2.70
N ILE A 7 -1.44 8.60 -1.87
CA ILE A 7 -1.74 9.94 -2.34
C ILE A 7 -1.00 10.98 -1.47
N THR A 8 -1.06 12.24 -1.89
CA THR A 8 -0.63 13.35 -1.06
C THR A 8 -1.88 14.11 -0.69
N TYR A 9 -2.09 14.35 0.60
CA TYR A 9 -3.27 15.06 1.07
C TYR A 9 -2.79 16.36 1.73
N LEU A 10 -3.06 17.49 1.09
CA LEU A 10 -2.59 18.79 1.60
C LEU A 10 -1.11 18.72 1.95
N GLY A 11 -0.31 18.16 1.04
CA GLY A 11 1.14 18.12 1.19
C GLY A 11 1.73 17.05 2.11
N THR A 12 0.88 16.21 2.69
CA THR A 12 1.33 15.13 3.61
C THR A 12 0.97 13.79 2.97
N PRO A 13 1.85 12.76 3.12
CA PRO A 13 1.59 11.41 2.60
C PRO A 13 0.29 10.83 3.18
N ALA A 14 -0.52 10.19 2.34
CA ALA A 14 -1.75 9.60 2.82
C ALA A 14 -2.15 8.36 2.02
N ILE A 15 -3.08 7.60 2.55
CA ILE A 15 -3.54 6.37 1.89
C ILE A 15 -5.03 6.42 1.63
N LYS A 16 -5.41 6.34 0.36
CA LYS A 16 -6.81 6.22 -0.04
C LYS A 16 -7.11 4.72 -0.21
N ALA A 17 -8.24 4.26 0.30
CA ALA A 17 -8.61 2.87 0.15
C ALA A 17 -10.12 2.81 0.02
N GLY A 18 -10.63 1.83 -0.71
CA GLY A 18 -12.08 1.62 -0.68
C GLY A 18 -12.58 0.56 -1.63
N ASN A 19 -13.90 0.50 -1.82
CA ASN A 19 -14.53 -0.41 -2.75
C ASN A 19 -15.51 0.41 -3.60
N GLU A 20 -16.50 -0.27 -4.19
CA GLU A 20 -17.51 0.40 -4.98
C GLU A 20 -18.52 1.23 -4.16
N HIS A 21 -18.53 1.08 -2.81
CA HIS A 21 -19.50 1.78 -1.95
C HIS A 21 -18.93 2.94 -1.18
N LEU A 22 -17.71 2.77 -0.71
CA LEU A 22 -17.10 3.69 0.21
C LEU A 22 -15.63 3.89 -0.10
N GLU A 23 -15.10 5.09 0.14
CA GLU A 23 -13.67 5.38 0.00
C GLU A 23 -13.24 6.20 1.19
N MET A 24 -12.13 5.81 1.81
CA MET A 24 -11.57 6.59 2.91
C MET A 24 -10.22 7.11 2.51
N ILE A 25 -9.76 8.10 3.24
CA ILE A 25 -8.35 8.50 3.21
C ILE A 25 -7.88 8.59 4.65
N VAL A 26 -6.85 7.82 4.96
CA VAL A 26 -6.19 7.91 6.25
C VAL A 26 -4.83 8.61 6.07
N VAL A 27 -4.47 9.46 7.05
CA VAL A 27 -3.21 10.24 7.05
C VAL A 27 -2.37 9.84 8.25
N PRO A 28 -1.49 8.83 8.08
CA PRO A 28 -0.70 8.34 9.21
C PRO A 28 0.03 9.42 10.00
N GLU A 29 0.64 10.41 9.34
CA GLU A 29 1.40 11.44 10.06
C GLU A 29 0.56 12.38 10.88
N TRP A 30 -0.72 12.46 10.55
CA TRP A 30 -1.65 13.33 11.26
C TRP A 30 -2.46 12.58 12.29
N GLY A 31 -1.75 11.86 13.16
CA GLY A 31 -2.39 11.08 14.22
C GLY A 31 -3.27 10.00 13.67
N SER A 32 -2.84 9.38 12.56
CA SER A 32 -3.65 8.35 11.87
C SER A 32 -5.12 8.77 11.72
N ASN A 33 -5.36 10.02 11.31
CA ASN A 33 -6.70 10.58 11.18
C ASN A 33 -7.34 10.07 9.87
N VAL A 34 -8.51 9.45 9.99
CA VAL A 34 -9.33 9.20 8.80
C VAL A 34 -10.03 10.52 8.42
N ILE A 35 -9.44 11.20 7.41
CA ILE A 35 -9.72 12.62 7.15
C ILE A 35 -10.84 12.78 6.13
N SER A 36 -11.15 11.70 5.40
CA SER A 36 -12.14 11.74 4.36
C SER A 36 -12.85 10.40 4.32
N LEU A 37 -14.18 10.43 4.22
CA LEU A 37 -14.98 9.24 3.96
C LEU A 37 -16.09 9.59 2.99
N VAL A 38 -16.08 8.94 1.82
CA VAL A 38 -17.01 9.30 0.76
C VAL A 38 -17.96 8.15 0.47
N ASP A 39 -19.25 8.47 0.41
CA ASP A 39 -20.28 7.56 -0.07
C ASP A 39 -20.29 7.63 -1.62
N LYS A 40 -19.84 6.55 -2.25
CA LYS A 40 -19.61 6.49 -3.70
C LYS A 40 -20.86 6.46 -4.57
N THR A 41 -21.92 5.86 -4.06
CA THR A 41 -23.14 5.76 -4.84
C THR A 41 -23.80 7.14 -4.97
N THR A 42 -23.75 7.95 -3.90
CA THR A 42 -24.29 9.32 -3.97
C THR A 42 -23.21 10.38 -4.27
N ASN A 43 -21.94 10.03 -4.07
CA ASN A 43 -20.80 10.93 -4.28
C ASN A 43 -20.57 11.98 -3.17
N VAL A 44 -21.13 11.72 -1.99
CA VAL A 44 -21.19 12.70 -0.91
C VAL A 44 -20.04 12.47 0.08
N GLN A 45 -19.32 13.55 0.40
CA GLN A 45 -18.35 13.52 1.48
C GLN A 45 -19.11 13.52 2.83
N LEU A 46 -18.73 12.63 3.75
CA LEU A 46 -19.41 12.49 5.06
C LEU A 46 -18.72 13.24 6.22
N LEU A 47 -17.41 13.40 6.12
CA LEU A 47 -16.60 14.01 7.17
C LEU A 47 -16.21 15.47 6.93
N ARG A 48 -16.01 16.21 8.02
CA ARG A 48 -15.48 17.57 7.93
C ARG A 48 -13.99 17.51 7.61
N GLU A 49 -13.63 18.09 6.44
CA GLU A 49 -12.25 18.13 5.94
C GLU A 49 -11.66 19.52 6.09
N PRO A 50 -10.35 19.59 6.35
CA PRO A 50 -9.73 20.91 6.52
C PRO A 50 -9.48 21.63 5.19
N GLU A 51 -9.66 22.96 5.20
CA GLU A 51 -9.41 23.77 4.02
C GLU A 51 -7.92 23.75 3.65
N THR A 52 -7.06 23.87 4.65
CA THR A 52 -5.61 23.88 4.47
C THR A 52 -4.95 22.99 5.52
N ALA A 53 -3.69 22.61 5.27
CA ALA A 53 -2.84 21.96 6.28
C ALA A 53 -2.78 22.77 7.57
N GLU A 54 -2.66 24.09 7.45
CA GLU A 54 -2.59 24.94 8.64
C GLU A 54 -3.86 24.96 9.45
N SER A 55 -5.01 24.97 8.80
CA SER A 55 -6.26 24.96 9.56
C SER A 55 -6.40 23.61 10.28
N PHE A 56 -5.86 22.54 9.69
CA PHE A 56 -5.91 21.24 10.35
C PHE A 56 -5.09 21.29 11.63
N HIS A 57 -3.83 21.69 11.52
CA HIS A 57 -2.98 21.77 12.69
C HIS A 57 -3.43 22.78 13.72
N ASP A 58 -4.18 23.80 13.31
CA ASP A 58 -4.84 24.70 14.30
C ASP A 58 -5.80 23.92 15.20
N THR A 59 -6.66 23.08 14.63
CA THR A 59 -7.61 22.31 15.43
C THR A 59 -7.65 20.85 14.94
N PRO A 60 -6.62 20.05 15.28
CA PRO A 60 -6.56 18.68 14.77
C PRO A 60 -7.58 17.70 15.40
N THR A 61 -8.39 18.16 16.36
CA THR A 61 -9.45 17.29 16.89
C THR A 61 -10.84 17.64 16.31
N LEU A 62 -10.86 18.61 15.38
CA LEU A 62 -12.12 19.04 14.76
C LEU A 62 -12.27 18.73 13.28
N TYR A 63 -11.47 17.79 12.76
CA TYR A 63 -11.62 17.27 11.36
C TYR A 63 -11.49 15.75 11.32
N GLY A 64 -12.20 15.13 10.38
CA GLY A 64 -12.01 13.67 10.13
C GLY A 64 -12.37 12.83 11.36
N ILE A 65 -11.51 11.85 11.65
CA ILE A 65 -11.69 10.93 12.79
C ILE A 65 -10.43 10.98 13.64
N PRO A 66 -10.31 12.01 14.53
CA PRO A 66 -9.15 12.11 15.44
C PRO A 66 -9.24 11.02 16.55
N ILE A 67 -8.08 10.49 16.96
CA ILE A 67 -7.96 9.43 17.98
C ILE A 67 -7.58 10.06 19.30
N LEU A 68 -8.43 9.82 20.30
CA LEU A 68 -8.33 10.43 21.64
C LEU A 68 -7.91 9.39 22.68
N PHE A 69 -6.63 9.34 23.00
CA PHE A 69 -6.07 8.34 23.90
C PHE A 69 -5.23 9.02 25.00
N PRO A 70 -5.82 9.24 26.20
CA PRO A 70 -7.21 9.01 26.54
C PRO A 70 -8.11 10.17 26.13
N PRO A 71 -9.44 9.96 26.14
CA PRO A 71 -10.36 10.98 25.65
C PRO A 71 -10.73 12.03 26.68
N ASN A 72 -10.82 13.25 26.18
CA ASN A 72 -11.40 14.36 26.90
C ASN A 72 -10.53 14.76 28.09
N ARG A 73 -11.14 15.25 29.16
CA ARG A 73 -10.42 16.05 30.16
C ARG A 73 -9.95 15.26 31.36
N ILE A 74 -8.76 15.58 31.89
CA ILE A 74 -8.33 15.05 33.21
C ILE A 74 -8.03 16.28 34.05
N SER A 75 -8.75 16.45 35.16
CA SER A 75 -8.60 17.65 36.00
C SER A 75 -7.14 17.85 36.39
N ASP A 76 -6.63 19.06 36.17
CA ASP A 76 -5.25 19.46 36.55
C ASP A 76 -4.14 18.60 35.94
N GLY A 77 -4.48 17.89 34.87
CA GLY A 77 -3.60 16.87 34.29
C GLY A 77 -3.15 15.83 35.27
N THR A 78 -3.85 15.70 36.39
CA THR A 78 -3.37 14.83 37.48
C THR A 78 -4.33 13.72 37.92
N PHE A 79 -3.76 12.55 38.26
CA PHE A 79 -4.53 11.41 38.81
C PHE A 79 -3.60 10.42 39.42
N SER A 80 -4.16 9.49 40.23
CA SER A 80 -3.35 8.38 40.71
C SER A 80 -3.92 7.03 40.24
N PHE A 81 -3.02 6.07 40.09
CA PHE A 81 -3.35 4.70 39.73
C PHE A 81 -2.49 3.77 40.58
N ARG A 82 -3.16 2.87 41.29
CA ARG A 82 -2.48 1.94 42.19
C ARG A 82 -1.35 2.61 43.00
N GLY A 83 -1.70 3.72 43.61
CA GLY A 83 -0.78 4.39 44.51
C GLY A 83 0.17 5.41 43.89
N ARG A 84 0.39 5.33 42.57
CA ARG A 84 1.33 6.20 41.87
C ARG A 84 0.63 7.43 41.25
N THR A 85 1.24 8.62 41.37
CA THR A 85 0.66 9.87 40.84
C THR A 85 1.20 10.22 39.46
N TYR A 86 0.31 10.64 38.55
CA TYR A 86 0.71 10.95 37.18
C TYR A 86 0.43 12.43 36.91
N HIS A 87 1.32 13.09 36.15
CA HIS A 87 1.11 14.49 35.73
C HIS A 87 1.19 14.57 34.21
N PHE A 88 0.05 14.77 33.55
CA PHE A 88 0.00 14.98 32.09
C PHE A 88 0.03 16.49 31.84
N ASP A 89 0.54 16.92 30.68
CA ASP A 89 0.52 18.33 30.27
C ASP A 89 -0.86 18.96 30.37
N ILE A 90 -0.91 20.16 30.93
CA ILE A 90 -2.15 20.96 31.02
C ILE A 90 -2.27 21.79 29.74
N ASN A 91 -2.90 21.22 28.71
CA ASN A 91 -2.98 21.91 27.43
C ASN A 91 -4.27 22.73 27.27
N GLU A 92 -5.23 22.54 28.18
CA GLU A 92 -6.42 23.40 28.25
C GLU A 92 -6.31 24.36 29.45
N LYS A 93 -5.79 25.55 29.20
CA LYS A 93 -5.35 26.41 30.30
C LYS A 93 -6.51 27.04 31.00
N ASP A 94 -7.52 27.49 30.27
CA ASP A 94 -8.63 28.20 30.96
C ASP A 94 -9.43 27.34 31.94
N LYS A 95 -9.57 26.06 31.63
CA LYS A 95 -10.26 25.12 32.50
C LYS A 95 -9.26 24.24 33.28
N HIS A 96 -7.97 24.51 33.12
CA HIS A 96 -6.88 23.84 33.85
C HIS A 96 -6.92 22.32 33.77
N ASN A 97 -7.01 21.82 32.55
CA ASN A 97 -7.15 20.38 32.32
C ASN A 97 -6.08 19.92 31.36
N HIS A 98 -5.74 18.64 31.44
CA HIS A 98 -5.22 17.93 30.26
C HIS A 98 -6.42 17.57 29.41
N LEU A 99 -6.27 17.71 28.08
CA LEU A 99 -7.39 17.44 27.16
C LEU A 99 -6.95 16.58 25.95
N HIS A 100 -7.59 15.42 25.78
CA HIS A 100 -7.54 14.58 24.58
C HIS A 100 -6.33 13.70 24.29
N GLY A 101 -5.47 13.52 25.30
CA GLY A 101 -4.39 12.56 25.23
C GLY A 101 -3.21 12.84 24.34
N PHE A 102 -2.63 11.76 23.81
CA PHE A 102 -1.24 11.80 23.36
C PHE A 102 -1.06 11.61 21.84
N LEU A 103 -2.11 11.12 21.17
CA LEU A 103 -1.93 10.50 19.85
C LEU A 103 -2.44 11.23 18.62
N TYR A 104 -3.28 12.27 18.78
CA TYR A 104 -3.94 12.93 17.62
C TYR A 104 -3.00 13.84 16.83
N HIS A 105 -1.87 14.18 17.43
CA HIS A 105 -0.84 14.98 16.79
C HIS A 105 0.52 14.31 16.74
N GLU A 106 0.53 12.98 16.59
CA GLU A 106 1.80 12.24 16.49
C GLU A 106 1.74 11.39 15.23
N LYS A 107 2.90 10.98 14.74
CA LYS A 107 3.05 10.19 13.52
C LYS A 107 2.89 8.70 13.85
N TRP A 108 1.92 8.10 13.23
CA TRP A 108 1.77 6.67 13.26
C TRP A 108 2.46 6.00 12.07
N ASN A 109 2.78 4.73 12.22
CA ASN A 109 3.34 3.90 11.15
C ASN A 109 2.28 3.01 10.49
N VAL A 110 2.37 2.84 9.17
CA VAL A 110 1.49 1.90 8.47
C VAL A 110 2.15 0.53 8.64
N VAL A 111 1.47 -0.38 9.34
CA VAL A 111 2.10 -1.67 9.59
C VAL A 111 1.76 -2.70 8.51
N THR A 112 0.53 -2.70 8.01
CA THR A 112 0.18 -3.53 6.83
C THR A 112 -1.09 -3.07 6.14
N THR A 113 -1.27 -3.60 4.93
CA THR A 113 -2.54 -3.56 4.23
C THR A 113 -2.89 -4.96 3.73
N LYS A 114 -4.18 -5.23 3.58
CA LYS A 114 -4.62 -6.54 3.12
C LYS A 114 -5.89 -6.37 2.31
N GLN A 115 -5.91 -7.02 1.15
CA GLN A 115 -7.05 -6.96 0.27
C GLN A 115 -7.47 -8.38 -0.09
N THR A 116 -8.77 -8.66 0.08
CA THR A 116 -9.40 -9.94 -0.36
C THR A 116 -10.86 -9.67 -0.75
N ASP A 117 -11.63 -10.69 -1.12
CA ASP A 117 -13.06 -10.44 -1.36
C ASP A 117 -13.87 -10.14 -0.08
N GLU A 118 -13.22 -10.25 1.08
CA GLU A 118 -13.77 -9.83 2.38
C GLU A 118 -13.54 -8.33 2.66
N GLY A 119 -12.93 -7.60 1.73
CA GLY A 119 -12.68 -6.17 1.92
C GLY A 119 -11.23 -5.71 1.99
N VAL A 120 -11.04 -4.41 2.19
CA VAL A 120 -9.73 -3.81 2.21
C VAL A 120 -9.38 -3.31 3.61
N ILE A 121 -8.22 -3.72 4.10
CA ILE A 121 -7.78 -3.43 5.43
C ILE A 121 -6.55 -2.57 5.35
N VAL A 122 -6.54 -1.50 6.15
CA VAL A 122 -5.33 -0.71 6.42
C VAL A 122 -5.09 -0.72 7.94
N GLU A 123 -3.86 -1.04 8.35
CA GLU A 123 -3.51 -1.02 9.75
C GLU A 123 -2.39 -0.01 10.01
N THR A 124 -2.60 0.81 11.03
CA THR A 124 -1.60 1.79 11.52
C THR A 124 -1.28 1.47 12.98
N GLU A 125 -0.14 1.96 13.46
CA GLU A 125 0.28 1.68 14.82
C GLU A 125 1.20 2.75 15.37
N ILE A 126 1.16 2.95 16.68
CA ILE A 126 2.11 3.83 17.37
C ILE A 126 2.51 3.24 18.73
N ASP A 127 3.79 3.33 19.05
CA ASP A 127 4.34 2.76 20.26
C ASP A 127 4.74 3.95 21.13
N LEU A 128 4.01 4.15 22.23
CA LEU A 128 4.25 5.31 23.11
C LEU A 128 5.64 5.32 23.77
N SER A 129 6.30 4.16 23.80
CA SER A 129 7.62 4.08 24.43
C SER A 129 8.66 4.81 23.55
N GLU A 130 8.31 5.04 22.29
CA GLU A 130 9.18 5.73 21.33
C GLU A 130 9.00 7.26 21.33
N LEU A 131 8.15 7.75 22.23
CA LEU A 131 7.80 9.16 22.32
C LEU A 131 8.28 9.70 23.68
N PRO A 132 9.47 10.33 23.69
CA PRO A 132 10.12 10.64 24.96
C PRO A 132 9.30 11.61 25.82
N HIS A 133 8.68 12.62 25.23
CA HIS A 133 7.80 13.52 26.00
C HIS A 133 6.56 12.88 26.56
N VAL A 134 5.96 11.96 25.78
CA VAL A 134 4.83 11.16 26.29
C VAL A 134 5.29 10.33 27.49
N GLN A 135 6.45 9.67 27.38
CA GLN A 135 7.01 8.88 28.47
C GLN A 135 7.22 9.66 29.76
N LYS A 136 7.63 10.93 29.66
CA LYS A 136 7.73 11.84 30.83
C LYS A 136 6.38 11.90 31.60
N GLN A 137 5.28 11.98 30.87
CA GLN A 137 3.91 12.06 31.44
C GLN A 137 3.33 10.68 31.85
N PHE A 138 3.63 9.67 31.05
CA PHE A 138 2.99 8.35 31.14
C PHE A 138 4.02 7.29 30.80
N PRO A 139 4.87 6.91 31.79
CA PRO A 139 6.01 6.01 31.59
C PRO A 139 5.57 4.53 31.50
N HIS A 140 4.82 4.21 30.45
CA HIS A 140 4.35 2.87 30.22
C HIS A 140 4.47 2.55 28.76
N HIS A 141 4.77 1.29 28.48
CA HIS A 141 4.93 0.78 27.12
C HIS A 141 3.59 0.37 26.52
N ALA A 142 2.74 1.37 26.32
CA ALA A 142 1.49 1.20 25.56
C ALA A 142 1.77 1.22 24.07
N VAL A 143 1.14 0.28 23.36
CA VAL A 143 1.15 0.27 21.88
C VAL A 143 -0.30 0.30 21.41
N VAL A 144 -0.63 1.21 20.49
CA VAL A 144 -1.99 1.26 19.97
C VAL A 144 -1.97 0.98 18.46
N ARG A 145 -2.83 0.04 18.04
CA ARG A 145 -2.92 -0.34 16.63
C ARG A 145 -4.35 -0.16 16.16
N MET A 146 -4.52 0.55 15.04
CA MET A 146 -5.84 0.73 14.44
C MET A 146 -5.93 -0.20 13.26
N THR A 147 -7.06 -0.87 13.14
CA THR A 147 -7.35 -1.74 11.98
C THR A 147 -8.61 -1.15 11.33
N TYR A 148 -8.45 -0.57 10.14
CA TYR A 148 -9.56 -0.08 9.36
C TYR A 148 -9.90 -1.08 8.27
N THR A 149 -11.19 -1.46 8.19
CA THR A 149 -11.63 -2.39 7.13
C THR A 149 -12.83 -1.77 6.49
N ILE A 150 -12.82 -1.73 5.16
CA ILE A 150 -14.02 -1.36 4.40
C ILE A 150 -14.52 -2.65 3.76
N LYS A 151 -15.78 -2.99 4.03
CA LYS A 151 -16.41 -4.20 3.54
C LYS A 151 -17.86 -3.83 3.28
N GLU A 152 -18.36 -4.12 2.07
CA GLU A 152 -19.65 -3.63 1.59
C GLU A 152 -19.83 -2.13 1.88
N ASN A 153 -20.84 -1.77 2.68
CA ASN A 153 -21.18 -0.37 3.00
C ASN A 153 -20.73 0.12 4.39
N THR A 154 -19.69 -0.50 4.96
CA THR A 154 -19.26 -0.22 6.34
C THR A 154 -17.77 0.00 6.42
N LEU A 155 -17.38 1.06 7.11
CA LEU A 155 -16.01 1.18 7.57
C LEU A 155 -15.97 0.64 9.00
N PHE A 156 -15.23 -0.45 9.20
CA PHE A 156 -15.01 -0.99 10.54
C PHE A 156 -13.71 -0.33 11.01
N LYS A 157 -13.67 0.03 12.28
CA LYS A 157 -12.59 0.87 12.84
C LYS A 157 -12.30 0.29 14.25
N HIS A 158 -11.29 -0.55 14.32
CA HIS A 158 -10.97 -1.31 15.56
C HIS A 158 -9.68 -0.82 16.17
N ALA A 159 -9.67 -0.62 17.48
CA ALA A 159 -8.43 -0.20 18.17
C ALA A 159 -7.99 -1.34 19.05
N THR A 160 -6.72 -1.76 18.92
CA THR A 160 -6.17 -2.80 19.77
C THR A 160 -5.10 -2.15 20.64
N VAL A 161 -5.30 -2.17 21.95
CA VAL A 161 -4.38 -1.53 22.90
C VAL A 161 -3.59 -2.63 23.60
N MET A 162 -2.27 -2.48 23.65
CA MET A 162 -1.37 -3.53 24.13
C MET A 162 -0.47 -2.98 25.24
N ASN A 163 -0.28 -3.76 26.30
CA ASN A 163 0.71 -3.47 27.31
C ASN A 163 1.95 -4.34 27.09
N LYS A 164 2.98 -3.74 26.51
CA LYS A 164 4.25 -4.41 26.25
C LYS A 164 5.28 -4.12 27.36
N GLY A 165 4.86 -3.49 28.45
CA GLY A 165 5.79 -3.09 29.51
C GLY A 165 5.70 -3.94 30.78
N LYS A 166 6.42 -3.53 31.84
CA LYS A 166 6.54 -4.33 33.08
C LYS A 166 5.41 -4.10 34.11
N GLU A 167 4.65 -3.03 33.98
CA GLU A 167 3.59 -2.71 34.96
C GLU A 167 2.24 -2.46 34.29
N ALA A 168 1.16 -2.74 35.01
CA ALA A 168 -0.22 -2.38 34.61
C ALA A 168 -0.41 -0.90 34.33
N PHE A 169 -1.36 -0.56 33.45
CA PHE A 169 -1.79 0.82 33.29
C PHE A 169 -3.27 0.95 32.97
N PRO A 170 -3.91 2.07 33.40
CA PRO A 170 -5.32 2.31 33.05
C PRO A 170 -5.40 2.86 31.63
N TRP A 171 -6.49 2.61 30.91
CA TRP A 171 -6.58 3.20 29.57
C TRP A 171 -8.02 3.41 29.16
N GLY A 172 -8.24 4.39 28.27
CA GLY A 172 -9.50 4.60 27.63
C GLY A 172 -9.24 5.18 26.24
N ILE A 173 -10.19 4.99 25.33
CA ILE A 173 -10.04 5.56 24.00
C ILE A 173 -11.36 6.10 23.53
N GLY A 174 -11.29 7.16 22.70
CA GLY A 174 -12.44 7.77 22.09
C GLY A 174 -12.05 8.32 20.74
N TYR A 175 -13.07 8.70 19.97
CA TYR A 175 -12.87 9.32 18.63
C TYR A 175 -13.62 10.62 18.55
N HIS A 176 -13.00 11.61 17.91
CA HIS A 176 -13.62 12.94 17.84
C HIS A 176 -14.26 13.17 16.49
N THR A 177 -14.82 12.09 15.97
CA THR A 177 -15.39 11.99 14.63
C THR A 177 -16.29 13.16 14.31
N THR A 178 -15.93 13.89 13.24
CA THR A 178 -16.57 15.15 12.89
C THR A 178 -17.28 15.00 11.56
N PHE A 179 -18.62 14.82 11.62
CA PHE A 179 -19.41 14.66 10.41
C PHE A 179 -19.96 16.00 9.91
N ILE A 180 -20.09 16.13 8.58
CA ILE A 180 -20.80 17.27 8.05
C ILE A 180 -22.27 17.14 8.53
N PHE A 181 -22.83 18.24 9.02
CA PHE A 181 -24.15 18.21 9.61
C PHE A 181 -24.85 19.57 9.40
N PRO A 182 -25.58 19.74 8.26
CA PRO A 182 -26.36 20.93 8.05
C PRO A 182 -27.52 20.97 9.00
N ALA A 183 -27.48 21.93 9.91
CA ALA A 183 -28.47 22.07 10.99
C ALA A 183 -29.89 22.13 10.49
N GLU A 184 -30.10 22.73 9.33
CA GLU A 184 -31.46 22.88 8.82
C GLU A 184 -32.15 21.61 8.43
N SER A 185 -31.40 20.64 7.90
CA SER A 185 -32.00 19.52 7.21
C SER A 185 -31.46 18.15 7.59
N SER A 186 -30.68 18.04 8.66
CA SER A 186 -30.23 16.71 9.05
C SER A 186 -30.82 16.36 10.41
N LEU A 187 -30.95 15.06 10.68
CA LEU A 187 -31.49 14.58 11.96
C LEU A 187 -30.44 13.75 12.71
N PHE A 188 -30.56 13.73 14.03
CA PHE A 188 -29.62 13.00 14.87
C PHE A 188 -30.35 12.12 15.91
N SER A 189 -29.87 10.90 16.08
CA SER A 189 -30.37 10.07 17.18
C SER A 189 -29.24 9.42 17.95
N LEU A 190 -29.52 9.04 19.20
CA LEU A 190 -28.51 8.43 20.08
C LEU A 190 -29.20 7.49 21.10
N THR A 191 -28.58 6.33 21.32
CA THR A 191 -29.02 5.39 22.33
C THR A 191 -28.48 5.87 23.69
N ALA A 192 -29.21 6.80 24.31
CA ALA A 192 -28.86 7.29 25.65
C ALA A 192 -30.13 7.75 26.37
N ASP A 193 -30.25 7.41 27.65
CA ASP A 193 -31.35 7.86 28.50
C ASP A 193 -30.92 8.90 29.56
N GLN A 194 -29.63 8.86 29.92
CA GLN A 194 -29.07 9.66 31.00
C GLN A 194 -27.78 10.34 30.52
N GLN A 195 -27.38 11.39 31.22
CA GLN A 195 -26.15 12.09 30.92
C GLN A 195 -25.45 12.51 32.20
N TRP A 196 -24.16 12.79 32.09
CA TRP A 196 -23.36 13.13 33.25
C TRP A 196 -23.46 14.60 33.55
N GLU A 197 -23.83 14.92 34.79
CA GLU A 197 -23.82 16.32 35.23
C GLU A 197 -22.37 16.92 35.18
N LEU A 198 -22.19 18.05 34.52
CA LEU A 198 -20.85 18.65 34.38
C LEU A 198 -20.73 19.95 35.14
N ASP A 199 -19.53 20.27 35.64
CA ASP A 199 -19.28 21.60 36.24
C ASP A 199 -18.78 22.57 35.16
N GLU A 200 -18.40 23.79 35.56
CA GLU A 200 -17.95 24.83 34.64
C GLU A 200 -16.61 24.50 33.93
N ARG A 201 -15.94 23.45 34.40
CA ARG A 201 -14.68 23.01 33.75
C ARG A 201 -14.91 21.79 32.87
N LEU A 202 -16.20 21.49 32.66
CA LEU A 202 -16.61 20.32 31.86
C LEU A 202 -16.18 18.97 32.44
N LEU A 203 -16.12 18.94 33.77
CA LEU A 203 -15.74 17.79 34.58
C LEU A 203 -17.01 17.26 35.25
N PRO A 204 -17.22 15.94 35.20
CA PRO A 204 -18.34 15.28 35.88
C PRO A 204 -18.30 15.55 37.39
N THR A 205 -19.46 15.88 37.95
CA THR A 205 -19.69 15.94 39.39
C THR A 205 -19.83 14.54 40.01
N GLY A 206 -20.07 13.54 39.17
CA GLY A 206 -20.32 12.17 39.65
C GLY A 206 -21.80 11.77 39.52
N LYS A 207 -22.66 12.77 39.45
CA LYS A 207 -24.11 12.56 39.36
C LYS A 207 -24.60 12.39 37.91
N LEU A 208 -25.58 11.50 37.74
CA LEU A 208 -26.27 11.32 36.46
C LEU A 208 -27.63 12.03 36.51
N MET A 209 -28.14 12.42 35.34
CA MET A 209 -29.43 13.06 35.29
C MET A 209 -30.12 12.54 34.04
N ASP A 210 -31.44 12.44 34.12
CA ASP A 210 -32.24 12.00 32.99
C ASP A 210 -32.12 13.03 31.86
N VAL A 211 -32.08 12.53 30.63
CA VAL A 211 -32.16 13.41 29.46
C VAL A 211 -33.65 13.68 29.23
N PRO A 212 -34.08 14.97 29.39
CA PRO A 212 -35.51 15.31 29.36
C PRO A 212 -36.16 15.00 28.00
N TYR A 213 -35.39 15.18 26.93
CA TYR A 213 -35.87 14.97 25.55
C TYR A 213 -35.46 13.58 25.02
N LYS A 214 -35.38 12.57 25.90
CA LYS A 214 -34.78 11.29 25.48
C LYS A 214 -35.59 10.57 24.39
N GLU A 215 -36.93 10.70 24.44
CA GLU A 215 -37.76 10.11 23.38
C GLU A 215 -37.43 10.68 22.00
N ALA A 216 -37.25 12.01 21.94
CA ALA A 216 -36.88 12.67 20.67
C ALA A 216 -35.50 12.25 20.23
N LEU A 217 -34.58 12.15 21.19
CA LEU A 217 -33.20 11.72 20.96
C LEU A 217 -33.10 10.30 20.39
N HIS A 218 -33.98 9.40 20.85
CA HIS A 218 -33.93 8.02 20.40
C HIS A 218 -34.40 7.90 18.99
N GLU A 219 -35.42 8.69 18.68
CA GLU A 219 -36.19 8.65 17.42
C GLU A 219 -35.51 9.33 16.28
N GLY A 220 -34.69 10.34 16.58
CA GLY A 220 -34.19 11.24 15.52
C GLY A 220 -34.81 12.61 15.73
N MET A 221 -33.96 13.63 15.86
CA MET A 221 -34.43 14.98 16.14
C MET A 221 -33.49 15.96 15.46
N ASP A 222 -34.02 17.14 15.11
CA ASP A 222 -33.17 18.25 14.64
C ASP A 222 -32.37 18.82 15.80
N LEU A 223 -31.29 19.52 15.47
CA LEU A 223 -30.47 20.27 16.43
C LEU A 223 -30.48 21.79 16.20
N ARG A 224 -31.57 22.32 15.65
CA ARG A 224 -31.69 23.76 15.50
C ARG A 224 -31.83 24.39 16.89
N HIS A 225 -31.08 25.45 17.17
CA HIS A 225 -31.11 26.10 18.51
C HIS A 225 -30.54 25.32 19.68
N LYS A 226 -30.26 24.04 19.50
CA LYS A 226 -29.66 23.26 20.57
C LYS A 226 -28.15 23.30 20.45
N GLN A 227 -27.46 23.73 21.51
CA GLN A 227 -25.99 23.69 21.54
C GLN A 227 -25.51 22.60 22.48
N LEU A 228 -24.69 21.69 21.97
CA LEU A 228 -24.34 20.52 22.75
C LEU A 228 -22.84 20.45 22.99
N ASP A 229 -22.53 20.09 24.23
CA ASP A 229 -21.19 19.66 24.57
C ASP A 229 -21.35 18.77 25.79
N ASP A 230 -22.00 17.62 25.57
CA ASP A 230 -22.64 16.88 26.66
C ASP A 230 -22.07 15.49 26.72
N VAL A 231 -21.91 14.96 27.94
CA VAL A 231 -21.46 13.56 28.13
C VAL A 231 -22.68 12.62 28.42
N PHE A 232 -23.15 11.95 27.37
CA PHE A 232 -24.27 11.02 27.49
C PHE A 232 -23.83 9.62 27.93
N LEU A 233 -24.65 8.96 28.74
CA LEU A 233 -24.37 7.60 29.09
C LEU A 233 -25.08 6.71 28.10
N SER A 234 -24.38 5.76 27.51
CA SER A 234 -25.02 4.80 26.61
C SER A 234 -26.08 4.05 27.37
N SER A 235 -27.24 3.91 26.75
CA SER A 235 -28.33 3.14 27.40
C SER A 235 -28.11 1.61 27.41
N TYR A 236 -27.11 1.14 26.65
CA TYR A 236 -26.89 -0.29 26.52
C TYR A 236 -26.65 -1.01 27.89
N GLN A 237 -25.73 -0.49 28.72
CA GLN A 237 -25.45 -1.08 30.06
C GLN A 237 -26.75 -1.45 30.82
N LYS A 238 -27.68 -0.51 30.93
CA LYS A 238 -28.90 -0.73 31.69
C LYS A 238 -30.07 -1.44 30.96
N ARG A 239 -30.23 -1.20 29.65
CA ARG A 239 -31.44 -1.57 28.86
C ARG A 239 -31.18 -2.58 27.73
N GLY A 240 -29.91 -2.80 27.39
CA GLY A 240 -29.57 -3.53 26.16
C GLY A 240 -30.00 -2.78 24.89
N GLY A 241 -30.33 -3.54 23.84
CA GLY A 241 -30.63 -2.95 22.53
C GLY A 241 -29.34 -2.49 21.82
N GLU A 242 -29.38 -1.35 21.15
CA GLU A 242 -28.25 -0.93 20.32
C GLU A 242 -27.33 0.03 21.08
N ASN A 243 -26.13 0.27 20.54
CA ASN A 243 -25.22 1.30 21.05
C ASN A 243 -24.73 2.05 19.81
N GLN A 244 -25.39 3.15 19.47
CA GLN A 244 -25.09 3.80 18.20
C GLN A 244 -25.64 5.22 18.17
N ALA A 245 -24.96 6.06 17.42
CA ALA A 245 -25.49 7.37 17.03
C ALA A 245 -25.91 7.27 15.55
N VAL A 246 -27.01 7.94 15.15
CA VAL A 246 -27.45 7.97 13.74
C VAL A 246 -27.57 9.40 13.22
N ILE A 247 -27.01 9.66 12.04
CA ILE A 247 -27.23 10.94 11.36
C ILE A 247 -28.00 10.64 10.10
N TYR A 248 -29.08 11.40 9.87
CA TYR A 248 -29.85 11.24 8.64
C TYR A 248 -29.85 12.55 7.83
N HIS A 249 -29.39 12.44 6.59
CA HIS A 249 -29.30 13.61 5.68
C HIS A 249 -30.52 13.57 4.81
N GLN A 250 -31.40 14.55 5.00
CA GLN A 250 -32.74 14.46 4.43
C GLN A 250 -32.78 14.65 2.93
N HIS A 251 -31.79 15.34 2.35
CA HIS A 251 -31.88 15.63 0.90
C HIS A 251 -31.50 14.44 0.05
N ALA A 252 -30.30 13.91 0.30
CA ALA A 252 -29.84 12.73 -0.46
C ALA A 252 -30.34 11.38 0.13
N HIS A 253 -31.07 11.46 1.26
CA HIS A 253 -31.63 10.27 1.97
C HIS A 253 -30.56 9.27 2.37
N ILE A 254 -29.52 9.77 3.03
CA ILE A 254 -28.39 8.95 3.44
C ILE A 254 -28.47 8.77 4.97
N SER A 255 -28.46 7.52 5.46
CA SER A 255 -28.33 7.26 6.91
C SER A 255 -26.91 6.86 7.26
N ILE A 256 -26.34 7.52 8.26
CA ILE A 256 -25.01 7.14 8.72
C ILE A 256 -25.21 6.50 10.07
N ILE A 257 -24.92 5.21 10.18
CA ILE A 257 -25.13 4.46 11.43
C ILE A 257 -23.80 4.17 12.13
N TYR A 258 -23.50 4.93 13.18
CA TYR A 258 -22.17 4.86 13.83
C TYR A 258 -22.38 3.95 15.06
N LYS A 259 -22.03 2.68 14.91
CA LYS A 259 -22.14 1.69 15.99
C LYS A 259 -20.84 1.60 16.80
N ALA A 260 -20.96 1.19 18.08
CA ALA A 260 -19.80 0.92 18.92
C ALA A 260 -20.16 -0.23 19.83
N ASP A 261 -19.14 -1.02 20.19
CA ASP A 261 -19.34 -2.20 21.05
C ASP A 261 -19.58 -1.82 22.53
N GLU A 262 -19.73 -2.81 23.40
CA GLU A 262 -20.16 -2.61 24.80
C GLU A 262 -19.10 -1.84 25.62
N GLN A 263 -17.84 -1.86 25.18
CA GLN A 263 -16.81 -1.03 25.83
C GLN A 263 -17.05 0.46 25.72
N PHE A 264 -17.80 0.89 24.69
CA PHE A 264 -18.03 2.32 24.47
C PHE A 264 -19.25 2.77 25.26
N LYS A 265 -18.98 3.14 26.52
CA LYS A 265 -20.07 3.32 27.51
C LYS A 265 -20.62 4.71 27.54
N HIS A 266 -20.00 5.64 26.79
CA HIS A 266 -20.35 7.05 26.86
C HIS A 266 -20.21 7.62 25.49
N TRP A 267 -20.97 8.68 25.23
CA TRP A 267 -20.90 9.43 23.97
C TRP A 267 -20.88 10.89 24.31
N VAL A 268 -19.84 11.58 23.88
CA VAL A 268 -19.91 13.05 23.93
C VAL A 268 -20.44 13.63 22.65
N VAL A 269 -21.39 14.54 22.74
CA VAL A 269 -21.92 15.16 21.51
C VAL A 269 -21.56 16.66 21.55
N TYR A 270 -20.90 17.13 20.49
CA TYR A 270 -20.42 18.51 20.44
C TYR A 270 -20.80 19.08 19.07
N ASN A 271 -21.50 20.21 19.06
CA ASN A 271 -21.77 20.93 17.81
C ASN A 271 -21.42 22.45 17.85
N ALA A 272 -20.51 22.83 18.75
CA ALA A 272 -20.06 24.23 18.89
C ALA A 272 -21.29 25.09 19.09
N ASP A 273 -21.43 26.16 18.31
CA ASP A 273 -22.63 27.03 18.48
C ASP A 273 -23.81 26.61 17.65
N GLY A 274 -23.70 25.50 16.93
CA GLY A 274 -24.82 25.01 16.15
C GLY A 274 -24.86 25.62 14.76
N LYS A 275 -23.91 26.51 14.44
CA LYS A 275 -23.90 27.28 13.19
C LYS A 275 -22.60 27.02 12.42
N GLN A 276 -21.90 25.96 12.80
CA GLN A 276 -20.61 25.65 12.20
C GLN A 276 -20.74 24.54 11.16
N GLY A 277 -21.95 24.02 11.00
CA GLY A 277 -22.25 22.96 10.04
C GLY A 277 -21.52 21.63 10.21
N TYR A 278 -21.20 21.27 11.45
CA TYR A 278 -20.74 19.93 11.72
C TYR A 278 -21.29 19.37 13.04
N LEU A 279 -21.11 18.07 13.25
CA LEU A 279 -21.53 17.45 14.50
C LEU A 279 -20.53 16.37 14.84
N CYS A 280 -20.12 16.31 16.12
CA CYS A 280 -19.18 15.31 16.59
C CYS A 280 -19.89 14.38 17.57
N PRO A 281 -20.32 13.18 17.10
CA PRO A 281 -20.81 12.18 18.04
C PRO A 281 -19.66 11.26 18.40
N GLU A 282 -19.16 11.42 19.63
CA GLU A 282 -17.86 10.85 20.02
C GLU A 282 -18.04 9.66 20.99
N PRO A 283 -17.84 8.42 20.49
CA PRO A 283 -17.94 7.29 21.41
C PRO A 283 -16.65 7.18 22.24
N TYR A 284 -16.77 6.96 23.55
CA TYR A 284 -15.59 6.91 24.45
C TYR A 284 -15.73 5.61 25.26
N THR A 285 -14.63 4.94 25.55
CA THR A 285 -14.69 3.77 26.43
C THR A 285 -14.77 4.13 27.92
N TRP A 286 -14.32 5.33 28.24
CA TRP A 286 -14.43 5.89 29.57
C TRP A 286 -14.98 7.30 29.68
N VAL A 287 -15.56 7.63 30.80
CA VAL A 287 -16.20 8.92 30.98
C VAL A 287 -15.08 9.98 31.19
N THR A 288 -15.30 11.21 30.76
CA THR A 288 -14.39 12.33 31.12
C THR A 288 -13.91 12.22 32.57
N ASN A 289 -12.58 12.34 32.79
CA ASN A 289 -12.01 12.34 34.13
C ASN A 289 -12.21 11.02 34.90
N ALA A 290 -12.40 9.92 34.13
CA ALA A 290 -12.69 8.59 34.70
C ALA A 290 -11.64 8.21 35.72
N VAL A 291 -10.38 8.59 35.46
CA VAL A 291 -9.25 8.21 36.34
C VAL A 291 -9.34 8.75 37.77
N ASN A 292 -10.14 9.80 37.94
CA ASN A 292 -10.27 10.53 39.20
C ASN A 292 -11.63 10.33 39.89
N LEU A 293 -12.41 9.35 39.42
CA LEU A 293 -13.72 9.07 40.02
C LEU A 293 -13.76 7.78 40.85
N ASP A 294 -14.21 7.88 42.09
CA ASP A 294 -14.35 6.66 42.92
C ASP A 294 -15.72 6.01 42.62
N LEU A 295 -15.93 5.61 41.36
CA LEU A 295 -17.19 4.95 40.95
C LEU A 295 -16.87 3.59 40.32
N PRO A 296 -17.84 2.64 40.32
CA PRO A 296 -17.50 1.35 39.74
C PRO A 296 -17.08 1.46 38.26
N SER A 297 -16.23 0.54 37.84
CA SER A 297 -15.76 0.51 36.45
C SER A 297 -16.87 0.15 35.46
N SER A 298 -17.90 -0.60 35.90
CA SER A 298 -19.03 -0.91 35.01
C SER A 298 -19.71 0.37 34.53
N LEU A 299 -19.68 1.40 35.37
CA LEU A 299 -20.16 2.73 35.06
C LEU A 299 -19.17 3.66 34.35
N THR A 300 -17.97 3.87 34.93
CA THR A 300 -17.05 4.81 34.34
C THR A 300 -16.48 4.26 33.02
N GLY A 301 -16.31 2.94 32.97
CA GLY A 301 -15.73 2.27 31.81
C GLY A 301 -14.21 2.27 31.89
N LEU A 302 -13.63 2.70 33.01
CA LEU A 302 -12.17 2.58 33.13
C LEU A 302 -11.72 1.11 32.89
N GLN A 303 -10.61 0.93 32.19
CA GLN A 303 -10.05 -0.39 31.96
C GLN A 303 -8.58 -0.39 32.34
N VAL A 304 -8.05 -1.57 32.64
CA VAL A 304 -6.65 -1.74 33.04
C VAL A 304 -6.03 -2.87 32.21
N LEU A 305 -4.82 -2.66 31.74
CA LEU A 305 -4.08 -3.72 31.05
C LEU A 305 -2.90 -4.12 31.91
N GLU A 306 -2.89 -5.38 32.30
CA GLU A 306 -1.78 -5.97 33.00
C GLU A 306 -0.64 -6.21 31.98
N PRO A 307 0.61 -6.32 32.44
CA PRO A 307 1.68 -6.62 31.50
C PRO A 307 1.39 -7.79 30.55
N GLY A 308 1.55 -7.54 29.26
CA GLY A 308 1.42 -8.58 28.23
C GLY A 308 0.01 -8.84 27.68
N GLU A 309 -0.96 -8.10 28.22
CA GLU A 309 -2.37 -8.23 27.86
C GLU A 309 -2.67 -7.28 26.70
N GLU A 310 -3.81 -7.52 26.03
CA GLU A 310 -4.32 -6.56 25.03
C GLU A 310 -5.83 -6.61 24.96
N THR A 311 -6.42 -5.52 24.49
CA THR A 311 -7.87 -5.40 24.37
C THR A 311 -8.17 -4.71 23.06
N THR A 312 -9.13 -5.27 22.32
CA THR A 312 -9.64 -4.63 21.09
C THR A 312 -11.05 -4.03 21.31
N ALA A 313 -11.17 -2.76 20.99
CA ALA A 313 -12.42 -1.99 21.11
C ALA A 313 -12.96 -1.67 19.73
N LYS A 314 -14.19 -2.13 19.44
CA LYS A 314 -14.70 -2.10 18.07
C LYS A 314 -15.77 -1.01 17.86
N SER A 315 -15.71 -0.37 16.69
CA SER A 315 -16.78 0.52 16.28
C SER A 315 -16.82 0.53 14.76
N SER A 316 -17.88 1.10 14.20
CA SER A 316 -18.11 0.98 12.74
C SER A 316 -19.02 2.09 12.26
N ILE A 317 -18.84 2.50 11.00
CA ILE A 317 -19.70 3.52 10.39
C ILE A 317 -20.32 2.87 9.14
N THR A 318 -21.63 2.67 9.16
CA THR A 318 -22.36 2.11 8.04
C THR A 318 -23.18 3.18 7.32
N ILE A 319 -23.05 3.19 6.01
CA ILE A 319 -23.77 4.14 5.19
C ILE A 319 -24.88 3.41 4.45
N GLU A 320 -26.11 3.87 4.64
CA GLU A 320 -27.30 3.30 3.99
C GLU A 320 -28.05 4.35 3.18
N LEU A 321 -28.54 3.96 2.01
CA LEU A 321 -29.42 4.82 1.22
C LEU A 321 -30.85 4.36 1.39
N ASN A 322 -31.72 5.29 1.77
CA ASN A 322 -33.15 4.99 1.96
C ASN A 322 -34.05 6.15 1.61
N ALA B 1 -9.51 -17.95 -4.47
CA ALA B 1 -9.56 -16.67 -3.72
C ALA B 1 -8.21 -15.99 -3.82
N ASN B 2 -8.25 -14.68 -3.99
CA ASN B 2 -7.02 -13.95 -4.24
C ASN B 2 -6.79 -12.91 -3.14
N PHE B 3 -5.60 -12.35 -3.10
CA PHE B 3 -5.25 -11.43 -2.03
C PHE B 3 -4.10 -10.56 -2.45
N ILE B 4 -4.03 -9.39 -1.82
CA ILE B 4 -2.85 -8.51 -1.88
C ILE B 4 -2.51 -8.09 -0.44
N GLU B 5 -1.23 -8.16 -0.09
CA GLU B 5 -0.81 -7.95 1.28
C GLU B 5 0.55 -7.29 1.36
N LYS B 6 0.67 -6.28 2.22
CA LYS B 6 1.97 -5.65 2.47
C LYS B 6 2.74 -6.51 3.45
N ILE B 7 4.02 -6.76 3.15
CA ILE B 7 4.85 -7.63 3.99
C ILE B 7 6.24 -6.99 4.11
N THR B 8 7.15 -7.65 4.82
CA THR B 8 8.56 -7.26 4.80
C THR B 8 9.38 -8.39 4.18
N TYR B 9 10.21 -8.08 3.17
CA TYR B 9 11.11 -9.08 2.53
C TYR B 9 12.61 -8.74 2.77
N LEU B 10 13.33 -9.61 3.49
CA LEU B 10 14.70 -9.31 3.92
C LEU B 10 14.84 -7.85 4.35
N GLY B 11 13.97 -7.43 5.27
CA GLY B 11 14.10 -6.10 5.85
C GLY B 11 13.58 -4.95 5.02
N THR B 12 12.99 -5.26 3.86
CA THR B 12 12.52 -4.22 2.94
C THR B 12 11.01 -4.31 2.68
N PRO B 13 10.33 -3.16 2.57
CA PRO B 13 8.92 -3.24 2.24
C PRO B 13 8.68 -3.98 0.90
N ALA B 14 7.67 -4.85 0.86
CA ALA B 14 7.29 -5.61 -0.34
C ALA B 14 5.79 -5.85 -0.38
N ILE B 15 5.31 -6.41 -1.49
CA ILE B 15 3.89 -6.64 -1.71
C ILE B 15 3.79 -8.07 -2.20
N LYS B 16 3.01 -8.87 -1.48
CA LYS B 16 2.72 -10.24 -1.86
C LYS B 16 1.30 -10.24 -2.44
N ALA B 17 1.13 -10.89 -3.58
CA ALA B 17 -0.19 -10.96 -4.16
C ALA B 17 -0.32 -12.27 -4.86
N GLY B 18 -1.52 -12.85 -4.82
CA GLY B 18 -1.75 -13.98 -5.66
C GLY B 18 -3.12 -14.58 -5.53
N ASN B 19 -3.22 -15.79 -6.05
CA ASN B 19 -4.46 -16.55 -5.95
C ASN B 19 -4.13 -17.98 -5.50
N GLU B 20 -5.06 -18.90 -5.72
CA GLU B 20 -4.86 -20.27 -5.33
C GLU B 20 -3.79 -21.01 -6.20
N HIS B 21 -3.36 -20.40 -7.31
CA HIS B 21 -2.37 -21.00 -8.18
C HIS B 21 -1.00 -20.42 -8.12
N LEU B 22 -0.88 -19.14 -7.90
CA LEU B 22 0.38 -18.46 -8.02
C LEU B 22 0.44 -17.26 -7.11
N GLU B 23 1.60 -17.04 -6.53
CA GLU B 23 1.84 -15.90 -5.66
C GLU B 23 3.16 -15.26 -6.06
N MET B 24 3.15 -13.93 -6.13
CA MET B 24 4.34 -13.14 -6.41
C MET B 24 4.67 -12.29 -5.19
N ILE B 25 5.93 -11.87 -5.12
CA ILE B 25 6.36 -10.81 -4.20
C ILE B 25 7.13 -9.79 -5.05
N VAL B 26 6.68 -8.55 -5.06
CA VAL B 26 7.43 -7.47 -5.71
C VAL B 26 8.05 -6.56 -4.63
N VAL B 27 9.28 -6.13 -4.87
CA VAL B 27 9.97 -5.26 -3.92
C VAL B 27 10.20 -3.89 -4.56
N PRO B 28 9.29 -2.92 -4.29
CA PRO B 28 9.39 -1.65 -4.97
C PRO B 28 10.76 -0.94 -4.86
N GLU B 29 11.38 -0.94 -3.67
CA GLU B 29 12.65 -0.21 -3.45
C GLU B 29 13.84 -0.87 -4.15
N TRP B 30 13.67 -2.11 -4.58
CA TRP B 30 14.71 -2.86 -5.26
C TRP B 30 14.45 -2.91 -6.75
N GLY B 31 14.21 -1.74 -7.34
CA GLY B 31 14.02 -1.63 -8.78
C GLY B 31 12.74 -2.33 -9.25
N SER B 32 11.70 -2.36 -8.39
CA SER B 32 10.42 -3.08 -8.62
C SER B 32 10.68 -4.51 -9.10
N ASN B 33 11.64 -5.17 -8.48
CA ASN B 33 11.93 -6.58 -8.78
C ASN B 33 10.83 -7.51 -8.25
N VAL B 34 10.25 -8.30 -9.14
CA VAL B 34 9.44 -9.43 -8.72
C VAL B 34 10.41 -10.51 -8.24
N ILE B 35 10.63 -10.58 -6.93
CA ILE B 35 11.72 -11.38 -6.33
C ILE B 35 11.35 -12.85 -6.07
N SER B 36 10.05 -13.14 -6.05
CA SER B 36 9.54 -14.45 -5.73
C SER B 36 8.33 -14.76 -6.61
N LEU B 37 8.28 -15.98 -7.14
CA LEU B 37 7.07 -16.45 -7.83
C LEU B 37 6.88 -17.91 -7.50
N VAL B 38 5.79 -18.21 -6.80
CA VAL B 38 5.60 -19.53 -6.21
C VAL B 38 4.39 -20.20 -6.86
N ASP B 39 4.58 -21.40 -7.36
CA ASP B 39 3.45 -22.23 -7.77
C ASP B 39 2.75 -22.79 -6.53
N LYS B 40 1.51 -22.38 -6.29
CA LYS B 40 0.83 -22.74 -5.04
C LYS B 40 0.24 -24.16 -5.02
N THR B 41 0.13 -24.80 -6.18
CA THR B 41 -0.37 -26.19 -6.25
C THR B 41 0.66 -27.19 -5.75
N THR B 42 1.89 -27.05 -6.22
CA THR B 42 2.98 -27.96 -5.87
C THR B 42 3.81 -27.35 -4.77
N ASN B 43 3.59 -26.06 -4.51
CA ASN B 43 4.38 -25.27 -3.57
C ASN B 43 5.88 -25.29 -3.90
N VAL B 44 6.23 -24.66 -5.02
CA VAL B 44 7.57 -24.67 -5.56
C VAL B 44 7.91 -23.23 -5.91
N GLN B 45 9.08 -22.74 -5.44
CA GLN B 45 9.58 -21.45 -5.88
C GLN B 45 10.17 -21.54 -7.31
N LEU B 46 9.75 -20.62 -8.17
CA LEU B 46 10.22 -20.66 -9.54
C LEU B 46 11.43 -19.77 -9.86
N LEU B 47 11.63 -18.70 -9.09
CA LEU B 47 12.72 -17.74 -9.33
C LEU B 47 13.88 -17.94 -8.39
N ARG B 48 15.05 -17.47 -8.80
CA ARG B 48 16.21 -17.44 -7.92
C ARG B 48 16.06 -16.24 -6.95
N GLU B 49 15.98 -16.57 -5.67
CA GLU B 49 15.90 -15.60 -4.56
C GLU B 49 17.27 -15.36 -3.89
N PRO B 50 17.52 -14.12 -3.43
CA PRO B 50 18.77 -13.80 -2.73
C PRO B 50 18.75 -14.34 -1.29
N GLU B 51 19.92 -14.74 -0.78
CA GLU B 51 20.03 -15.25 0.58
C GLU B 51 19.85 -14.13 1.61
N THR B 52 20.41 -12.96 1.30
CA THR B 52 20.42 -11.84 2.21
C THR B 52 20.23 -10.61 1.37
N ALA B 53 19.81 -9.51 2.00
CA ALA B 53 19.74 -8.22 1.32
C ALA B 53 21.09 -7.83 0.74
N GLU B 54 22.17 -8.13 1.47
CA GLU B 54 23.53 -7.82 1.00
C GLU B 54 23.88 -8.54 -0.30
N SER B 55 23.62 -9.84 -0.37
CA SER B 55 23.95 -10.54 -1.61
C SER B 55 23.07 -10.05 -2.78
N PHE B 56 21.82 -9.68 -2.50
CA PHE B 56 20.98 -9.07 -3.53
C PHE B 56 21.66 -7.84 -4.12
N HIS B 57 22.04 -6.91 -3.24
CA HIS B 57 22.65 -5.65 -3.67
C HIS B 57 23.97 -5.86 -4.34
N ASP B 58 24.66 -6.94 -3.97
CA ASP B 58 25.86 -7.42 -4.68
C ASP B 58 25.60 -7.69 -6.16
N THR B 59 24.52 -8.43 -6.50
CA THR B 59 24.19 -8.70 -7.90
C THR B 59 22.69 -8.56 -8.15
N PRO B 60 22.19 -7.30 -8.22
CA PRO B 60 20.77 -7.03 -8.38
C PRO B 60 20.15 -7.42 -9.75
N THR B 61 20.96 -7.83 -10.74
CA THR B 61 20.39 -8.27 -12.02
C THR B 61 20.35 -9.82 -12.13
N LEU B 62 20.69 -10.52 -11.04
CA LEU B 62 20.76 -11.99 -11.03
C LEU B 62 19.80 -12.69 -10.07
N TYR B 63 18.71 -12.00 -9.66
CA TYR B 63 17.65 -12.61 -8.84
C TYR B 63 16.27 -12.14 -9.34
N GLY B 64 15.24 -12.98 -9.16
CA GLY B 64 13.87 -12.56 -9.46
C GLY B 64 13.73 -12.02 -10.89
N ILE B 65 13.09 -10.88 -11.01
CA ILE B 65 12.83 -10.30 -12.34
C ILE B 65 13.36 -8.86 -12.39
N PRO B 66 14.65 -8.69 -12.70
CA PRO B 66 15.25 -7.34 -12.80
C PRO B 66 14.79 -6.63 -14.09
N ILE B 67 14.52 -5.33 -13.97
CA ILE B 67 14.08 -4.48 -15.08
C ILE B 67 15.26 -3.73 -15.71
N LEU B 68 15.45 -3.95 -17.01
CA LEU B 68 16.58 -3.38 -17.78
C LEU B 68 16.10 -2.29 -18.77
N PHE B 69 16.24 -1.03 -18.41
CA PHE B 69 15.74 0.06 -19.22
C PHE B 69 16.89 1.07 -19.44
N PRO B 70 17.61 0.99 -20.59
CA PRO B 70 17.50 -0.07 -21.61
C PRO B 70 18.37 -1.30 -21.28
N PRO B 71 18.12 -2.44 -21.95
CA PRO B 71 18.76 -3.70 -21.59
C PRO B 71 20.13 -3.88 -22.23
N ASN B 72 21.06 -4.42 -21.44
CA ASN B 72 22.35 -4.94 -21.92
C ASN B 72 23.32 -3.80 -22.29
N ARG B 73 24.24 -4.04 -23.23
CA ARG B 73 25.37 -3.11 -23.44
C ARG B 73 25.13 -1.97 -24.42
N ILE B 74 25.63 -0.78 -24.07
CA ILE B 74 25.85 0.32 -25.02
C ILE B 74 27.36 0.63 -25.04
N SER B 75 27.97 0.39 -26.20
CA SER B 75 29.41 0.60 -26.41
C SER B 75 29.80 2.00 -25.95
N ASP B 76 30.79 2.06 -25.06
CA ASP B 76 31.29 3.33 -24.44
C ASP B 76 30.23 4.21 -23.81
N GLY B 77 29.09 3.61 -23.43
CA GLY B 77 27.93 4.38 -22.95
C GLY B 77 27.55 5.53 -23.87
N THR B 78 28.03 5.49 -25.11
CA THR B 78 27.87 6.61 -26.05
C THR B 78 27.11 6.21 -27.30
N PHE B 79 26.17 7.07 -27.72
CA PHE B 79 25.48 6.91 -28.98
C PHE B 79 24.93 8.27 -29.42
N SER B 80 24.59 8.34 -30.70
CA SER B 80 23.95 9.50 -31.28
C SER B 80 22.44 9.25 -31.52
N PHE B 81 21.64 10.28 -31.30
CA PHE B 81 20.23 10.24 -31.64
C PHE B 81 19.73 11.61 -32.07
N ARG B 82 19.27 11.70 -33.31
CA ARG B 82 18.72 12.95 -33.84
C ARG B 82 19.58 14.16 -33.46
N GLY B 83 20.86 14.02 -33.78
CA GLY B 83 21.83 15.11 -33.67
C GLY B 83 22.25 15.45 -32.25
N ARG B 84 21.89 14.60 -31.30
CA ARG B 84 22.42 14.70 -29.94
C ARG B 84 23.31 13.51 -29.58
N THR B 85 24.44 13.77 -28.95
CA THR B 85 25.29 12.73 -28.35
C THR B 85 24.96 12.51 -26.87
N TYR B 86 24.76 11.23 -26.51
CA TYR B 86 24.40 10.77 -25.14
C TYR B 86 25.55 10.05 -24.51
N HIS B 87 25.74 10.21 -23.20
CA HIS B 87 26.77 9.47 -22.46
C HIS B 87 26.20 8.88 -21.20
N PHE B 88 25.98 7.57 -21.18
CA PHE B 88 25.49 6.86 -20.01
C PHE B 88 26.73 6.41 -19.28
N ASP B 89 26.62 6.20 -17.95
CA ASP B 89 27.75 5.77 -17.10
C ASP B 89 28.31 4.46 -17.58
N ILE B 90 29.64 4.40 -17.68
CA ILE B 90 30.36 3.21 -18.10
C ILE B 90 30.64 2.36 -16.87
N ASN B 91 29.68 1.49 -16.58
CA ASN B 91 29.69 0.68 -15.38
C ASN B 91 30.22 -0.72 -15.64
N GLU B 92 30.50 -1.02 -16.91
CA GLU B 92 31.22 -2.25 -17.29
C GLU B 92 32.64 -1.92 -17.76
N LYS B 93 33.57 -1.95 -16.80
CA LYS B 93 34.91 -1.39 -17.01
C LYS B 93 35.74 -2.16 -18.05
N ASP B 94 35.88 -3.48 -17.86
CA ASP B 94 36.72 -4.30 -18.75
C ASP B 94 36.29 -4.31 -20.23
N LYS B 95 35.05 -3.90 -20.49
CA LYS B 95 34.55 -3.85 -21.85
C LYS B 95 34.18 -2.43 -22.27
N HIS B 96 34.47 -1.48 -21.39
CA HIS B 96 34.18 -0.08 -21.63
C HIS B 96 32.75 0.09 -22.13
N ASN B 97 31.80 -0.55 -21.43
CA ASN B 97 30.36 -0.45 -21.77
C ASN B 97 29.51 0.14 -20.64
N HIS B 98 28.42 0.78 -21.03
CA HIS B 98 27.29 0.92 -20.13
C HIS B 98 26.54 -0.37 -20.22
N LEU B 99 26.02 -0.81 -19.08
CA LEU B 99 25.34 -2.11 -19.00
C LEU B 99 24.04 -2.04 -18.16
N HIS B 100 22.90 -2.33 -18.81
CA HIS B 100 21.59 -2.63 -18.14
C HIS B 100 20.77 -1.49 -17.60
N GLY B 101 21.13 -0.27 -18.00
CA GLY B 101 20.30 0.89 -17.78
C GLY B 101 20.15 1.41 -16.36
N PHE B 102 19.04 2.12 -16.16
CA PHE B 102 18.91 3.06 -15.09
C PHE B 102 18.04 2.58 -13.90
N LEU B 103 17.31 1.48 -14.05
CA LEU B 103 16.15 1.26 -13.17
C LEU B 103 16.17 0.10 -12.17
N TYR B 104 17.11 -0.84 -12.33
CA TYR B 104 17.14 -2.02 -11.48
C TYR B 104 17.61 -1.78 -10.04
N HIS B 105 18.32 -0.68 -9.81
CA HIS B 105 18.80 -0.37 -8.45
C HIS B 105 18.25 0.94 -7.95
N GLU B 106 17.07 1.33 -8.45
CA GLU B 106 16.39 2.54 -7.98
C GLU B 106 15.06 2.20 -7.33
N LYS B 107 14.56 3.13 -6.52
CA LYS B 107 13.30 2.97 -5.80
C LYS B 107 12.09 3.39 -6.64
N TRP B 108 11.24 2.42 -6.90
CA TRP B 108 9.98 2.67 -7.55
C TRP B 108 8.85 2.96 -6.57
N ASN B 109 7.84 3.68 -7.00
CA ASN B 109 6.66 3.92 -6.15
C ASN B 109 5.58 2.93 -6.50
N VAL B 110 4.76 2.57 -5.51
CA VAL B 110 3.51 1.83 -5.76
C VAL B 110 2.41 2.83 -6.08
N VAL B 111 1.85 2.75 -7.29
CA VAL B 111 0.75 3.62 -7.64
C VAL B 111 -0.60 3.14 -7.06
N THR B 112 -0.85 1.84 -7.07
CA THR B 112 -2.12 1.27 -6.61
C THR B 112 -2.00 -0.24 -6.59
N THR B 113 -2.77 -0.86 -5.71
CA THR B 113 -2.97 -2.30 -5.71
C THR B 113 -4.48 -2.51 -5.75
N LYS B 114 -4.94 -3.37 -6.67
CA LYS B 114 -6.37 -3.53 -6.94
C LYS B 114 -6.76 -5.02 -6.92
N GLN B 115 -7.78 -5.37 -6.14
CA GLN B 115 -8.27 -6.74 -6.04
C GLN B 115 -9.64 -6.78 -6.71
N THR B 116 -9.81 -7.68 -7.68
CA THR B 116 -11.12 -7.93 -8.31
C THR B 116 -11.45 -9.40 -8.10
N ASP B 117 -12.69 -9.83 -8.37
CA ASP B 117 -12.97 -11.27 -8.31
C ASP B 117 -12.19 -12.02 -9.40
N GLU B 118 -11.78 -11.28 -10.43
CA GLU B 118 -11.08 -11.77 -11.61
C GLU B 118 -9.55 -12.00 -11.42
N GLY B 119 -8.90 -11.14 -10.65
CA GLY B 119 -7.45 -11.19 -10.46
C GLY B 119 -6.97 -10.14 -9.46
N VAL B 120 -5.66 -10.10 -9.25
CA VAL B 120 -5.03 -9.05 -8.43
C VAL B 120 -4.04 -8.25 -9.29
N ILE B 121 -3.98 -6.94 -9.09
CA ILE B 121 -3.15 -6.03 -9.86
C ILE B 121 -2.27 -5.20 -8.93
N VAL B 122 -0.98 -5.15 -9.22
CA VAL B 122 -0.06 -4.28 -8.50
C VAL B 122 0.60 -3.41 -9.54
N GLU B 123 0.51 -2.10 -9.35
CA GLU B 123 1.16 -1.14 -10.28
C GLU B 123 2.25 -0.37 -9.58
N THR B 124 3.44 -0.38 -10.17
CA THR B 124 4.60 0.40 -9.70
C THR B 124 5.04 1.36 -10.80
N GLU B 125 5.76 2.42 -10.43
CA GLU B 125 6.13 3.45 -11.41
C GLU B 125 7.38 4.22 -10.95
N ILE B 126 8.16 4.69 -11.91
CA ILE B 126 9.33 5.50 -11.63
C ILE B 126 9.42 6.61 -12.71
N ASP B 127 9.58 7.85 -12.25
CA ASP B 127 9.68 9.01 -13.13
C ASP B 127 11.16 9.43 -13.19
N LEU B 128 11.76 9.20 -14.36
CA LEU B 128 13.20 9.40 -14.53
C LEU B 128 13.60 10.86 -14.35
N SER B 129 12.66 11.78 -14.58
CA SER B 129 12.94 13.21 -14.34
C SER B 129 13.20 13.55 -12.88
N GLU B 130 12.83 12.65 -11.99
CA GLU B 130 13.04 12.84 -10.56
C GLU B 130 14.37 12.23 -10.11
N LEU B 131 15.19 11.82 -11.07
CA LEU B 131 16.48 11.20 -10.73
C LEU B 131 17.60 12.05 -11.35
N PRO B 132 18.17 12.98 -10.55
CA PRO B 132 19.20 13.93 -11.00
C PRO B 132 20.32 13.25 -11.79
N HIS B 133 20.91 12.19 -11.23
CA HIS B 133 22.02 11.51 -11.92
C HIS B 133 21.62 10.84 -13.23
N VAL B 134 20.41 10.30 -13.29
CA VAL B 134 19.89 9.74 -14.54
C VAL B 134 19.68 10.87 -15.56
N GLN B 135 19.14 12.00 -15.10
CA GLN B 135 18.96 13.17 -15.97
C GLN B 135 20.26 13.70 -16.59
N LYS B 136 21.37 13.54 -15.85
CA LYS B 136 22.71 13.89 -16.36
C LYS B 136 22.99 13.08 -17.62
N GLN B 137 22.57 11.82 -17.60
CA GLN B 137 22.88 10.88 -18.68
C GLN B 137 21.86 10.87 -19.81
N PHE B 138 20.59 11.05 -19.46
CA PHE B 138 19.47 10.86 -20.37
C PHE B 138 18.45 11.94 -20.01
N PRO B 139 18.66 13.18 -20.50
CA PRO B 139 17.87 14.33 -20.09
C PRO B 139 16.49 14.39 -20.75
N HIS B 140 15.66 13.39 -20.42
CA HIS B 140 14.32 13.27 -20.96
C HIS B 140 13.32 12.89 -19.87
N HIS B 141 12.10 13.41 -19.98
CA HIS B 141 11.06 13.11 -18.97
C HIS B 141 10.38 11.80 -19.29
N ALA B 142 11.12 10.71 -19.10
CA ALA B 142 10.56 9.38 -19.30
C ALA B 142 9.93 8.89 -18.00
N VAL B 143 8.79 8.19 -18.14
CA VAL B 143 8.13 7.60 -16.97
C VAL B 143 7.81 6.18 -17.37
N VAL B 144 8.09 5.23 -16.49
CA VAL B 144 7.88 3.81 -16.75
C VAL B 144 6.96 3.27 -15.64
N ARG B 145 5.85 2.68 -16.03
CA ARG B 145 4.90 2.03 -15.13
C ARG B 145 4.79 0.52 -15.42
N MET B 146 4.99 -0.30 -14.38
CA MET B 146 4.81 -1.74 -14.46
C MET B 146 3.42 -2.09 -13.95
N THR B 147 2.67 -2.89 -14.71
CA THR B 147 1.38 -3.39 -14.23
C THR B 147 1.51 -4.90 -14.15
N TYR B 148 1.48 -5.44 -12.94
CA TYR B 148 1.59 -6.89 -12.71
C TYR B 148 0.22 -7.42 -12.37
N THR B 149 -0.24 -8.43 -13.10
CA THR B 149 -1.61 -8.95 -12.90
C THR B 149 -1.52 -10.46 -12.75
N ILE B 150 -2.04 -11.00 -11.65
CA ILE B 150 -2.19 -12.45 -11.54
C ILE B 150 -3.66 -12.85 -11.67
N LYS B 151 -3.96 -13.67 -12.71
CA LYS B 151 -5.27 -14.30 -12.96
C LYS B 151 -4.99 -15.73 -13.36
N GLU B 152 -5.78 -16.68 -12.84
CA GLU B 152 -5.63 -18.10 -13.15
C GLU B 152 -4.19 -18.54 -12.82
N ASN B 153 -3.52 -19.14 -13.78
CA ASN B 153 -2.12 -19.58 -13.60
C ASN B 153 -1.05 -18.71 -14.34
N THR B 154 -1.35 -17.42 -14.51
CA THR B 154 -0.49 -16.54 -15.27
C THR B 154 -0.17 -15.28 -14.48
N LEU B 155 1.11 -14.91 -14.50
CA LEU B 155 1.53 -13.57 -14.12
C LEU B 155 1.66 -12.77 -15.43
N PHE B 156 0.84 -11.74 -15.59
CA PHE B 156 0.99 -10.80 -16.70
C PHE B 156 1.82 -9.64 -16.19
N LYS B 157 2.76 -9.20 -17.01
CA LYS B 157 3.81 -8.30 -16.61
C LYS B 157 3.92 -7.29 -17.79
N HIS B 158 3.29 -6.13 -17.64
CA HIS B 158 3.19 -5.12 -18.71
C HIS B 158 3.95 -3.85 -18.35
N ALA B 159 4.82 -3.37 -19.25
CA ALA B 159 5.53 -2.11 -19.03
C ALA B 159 4.95 -1.02 -19.93
N THR B 160 4.55 0.10 -19.30
CA THR B 160 4.06 1.24 -20.08
C THR B 160 5.12 2.34 -20.00
N VAL B 161 5.68 2.67 -21.16
CA VAL B 161 6.70 3.70 -21.26
C VAL B 161 6.10 5.00 -21.78
N MET B 162 6.30 6.10 -21.07
CA MET B 162 5.63 7.37 -21.41
C MET B 162 6.63 8.50 -21.61
N ASN B 163 6.44 9.26 -22.69
CA ASN B 163 7.18 10.51 -22.91
C ASN B 163 6.35 11.72 -22.48
N LYS B 164 6.67 12.23 -21.28
CA LYS B 164 6.01 13.41 -20.72
C LYS B 164 6.83 14.70 -20.91
N GLY B 165 7.89 14.62 -21.70
CA GLY B 165 8.80 15.75 -21.94
C GLY B 165 8.59 16.44 -23.28
N LYS B 166 9.53 17.30 -23.67
CA LYS B 166 9.33 18.12 -24.87
C LYS B 166 10.09 17.64 -26.12
N GLU B 167 11.03 16.70 -25.92
CA GLU B 167 11.75 16.10 -27.03
C GLU B 167 11.47 14.59 -27.09
N ALA B 168 11.48 14.06 -28.30
CA ALA B 168 11.44 12.62 -28.60
C ALA B 168 12.65 11.90 -27.99
N PHE B 169 12.49 10.63 -27.59
CA PHE B 169 13.65 9.86 -27.13
C PHE B 169 13.59 8.41 -27.62
N PRO B 170 14.76 7.77 -27.76
CA PRO B 170 14.82 6.35 -28.09
C PRO B 170 14.71 5.55 -26.82
N TRP B 171 14.12 4.34 -26.88
CA TRP B 171 14.05 3.50 -25.69
C TRP B 171 13.93 2.03 -26.02
N GLY B 172 14.24 1.20 -25.03
CA GLY B 172 14.07 -0.22 -25.14
C GLY B 172 13.91 -0.75 -23.73
N ILE B 173 13.21 -1.88 -23.56
CA ILE B 173 13.20 -2.52 -22.24
C ILE B 173 13.44 -4.01 -22.36
N GLY B 174 14.00 -4.60 -21.31
CA GLY B 174 14.13 -6.09 -21.22
C GLY B 174 14.03 -6.51 -19.75
N TYR B 175 13.99 -7.81 -19.51
CA TYR B 175 13.96 -8.35 -18.13
C TYR B 175 15.05 -9.38 -17.94
N HIS B 176 15.76 -9.31 -16.81
CA HIS B 176 16.83 -10.27 -16.55
C HIS B 176 16.33 -11.47 -15.75
N THR B 177 15.09 -11.86 -16.06
CA THR B 177 14.34 -12.95 -15.38
C THR B 177 15.20 -14.17 -15.11
N THR B 178 15.34 -14.55 -13.83
CA THR B 178 16.23 -15.62 -13.41
C THR B 178 15.50 -16.78 -12.72
N PHE B 179 15.37 -17.92 -13.42
CA PHE B 179 14.63 -19.10 -12.93
C PHE B 179 15.58 -20.11 -12.37
N ILE B 180 15.12 -20.90 -11.39
CA ILE B 180 15.89 -22.02 -10.89
C ILE B 180 15.87 -23.02 -12.03
N PHE B 181 17.04 -23.61 -12.32
CA PHE B 181 17.14 -24.52 -13.46
C PHE B 181 18.26 -25.53 -13.18
N PRO B 182 17.91 -26.72 -12.67
CA PRO B 182 18.88 -27.81 -12.46
C PRO B 182 19.31 -28.39 -13.79
N ALA B 183 20.60 -28.35 -14.05
CA ALA B 183 21.18 -28.73 -15.33
C ALA B 183 20.86 -30.18 -15.72
N GLU B 184 20.91 -31.08 -14.74
CA GLU B 184 20.69 -32.50 -14.93
C GLU B 184 19.29 -32.83 -15.52
N SER B 185 18.25 -32.24 -14.95
CA SER B 185 16.87 -32.69 -15.22
C SER B 185 15.86 -31.62 -15.75
N SER B 186 16.31 -30.43 -16.10
CA SER B 186 15.38 -29.46 -16.68
C SER B 186 15.63 -29.24 -18.18
N LEU B 187 14.59 -28.84 -18.91
CA LEU B 187 14.70 -28.62 -20.35
C LEU B 187 14.31 -27.21 -20.71
N PHE B 188 14.77 -26.76 -21.86
CA PHE B 188 14.56 -25.40 -22.31
C PHE B 188 14.21 -25.39 -23.78
N SER B 189 13.28 -24.53 -24.19
CA SER B 189 13.00 -24.26 -25.62
C SER B 189 12.84 -22.76 -25.87
N LEU B 190 13.05 -22.33 -27.12
CA LEU B 190 12.96 -20.92 -27.50
C LEU B 190 12.61 -20.73 -28.98
N THR B 191 11.64 -19.86 -29.25
CA THR B 191 11.23 -19.50 -30.64
C THR B 191 12.27 -18.59 -31.28
N ALA B 192 13.34 -19.20 -31.78
CA ALA B 192 14.44 -18.48 -32.43
C ALA B 192 15.10 -19.43 -33.44
N ASP B 193 15.48 -18.86 -34.59
CA ASP B 193 16.18 -19.56 -35.68
C ASP B 193 17.61 -19.03 -35.86
N GLN B 194 17.82 -17.74 -35.61
CA GLN B 194 19.11 -17.09 -35.83
C GLN B 194 19.60 -16.42 -34.55
N GLN B 195 20.87 -16.05 -34.52
CA GLN B 195 21.40 -15.29 -33.39
C GLN B 195 22.43 -14.26 -33.83
N TRP B 196 22.67 -13.27 -32.98
CA TRP B 196 23.59 -12.17 -33.29
C TRP B 196 25.01 -12.56 -32.99
N GLU B 197 25.89 -12.40 -33.97
CA GLU B 197 27.31 -12.64 -33.77
C GLU B 197 27.84 -11.54 -32.86
N LEU B 198 28.58 -11.90 -31.84
CA LEU B 198 29.06 -10.94 -30.85
C LEU B 198 30.58 -10.87 -30.81
N ASP B 199 31.14 -9.67 -30.75
CA ASP B 199 32.59 -9.54 -30.53
C ASP B 199 32.95 -9.78 -29.05
N GLU B 200 34.23 -9.65 -28.71
CA GLU B 200 34.74 -9.97 -27.35
C GLU B 200 34.25 -9.01 -26.26
N ARG B 201 33.70 -7.87 -26.67
CA ARG B 201 33.03 -6.92 -25.77
C ARG B 201 31.52 -7.21 -25.68
N LEU B 202 31.11 -8.40 -26.14
CA LEU B 202 29.70 -8.86 -26.19
C LEU B 202 28.78 -7.91 -26.98
N LEU B 203 29.37 -7.20 -27.95
CA LEU B 203 28.64 -6.33 -28.84
C LEU B 203 28.39 -6.98 -30.18
N PRO B 204 27.19 -6.77 -30.75
CA PRO B 204 26.88 -7.39 -32.05
C PRO B 204 27.75 -6.80 -33.15
N THR B 205 28.12 -7.60 -34.13
CA THR B 205 28.88 -7.10 -35.28
C THR B 205 27.93 -6.53 -36.32
N GLY B 206 26.66 -6.95 -36.22
CA GLY B 206 25.65 -6.61 -37.22
C GLY B 206 25.25 -7.85 -37.99
N LYS B 207 26.09 -8.88 -37.91
CA LYS B 207 25.84 -10.13 -38.64
C LYS B 207 24.98 -11.12 -37.84
N LEU B 208 24.06 -11.76 -38.55
CA LEU B 208 23.24 -12.84 -38.02
C LEU B 208 23.79 -14.20 -38.48
N MET B 209 23.74 -15.20 -37.61
CA MET B 209 24.14 -16.54 -37.96
C MET B 209 23.02 -17.51 -37.57
N ASP B 210 22.93 -18.62 -38.27
CA ASP B 210 21.96 -19.65 -37.92
C ASP B 210 22.30 -20.28 -36.59
N VAL B 211 21.27 -20.60 -35.81
CA VAL B 211 21.46 -21.42 -34.62
C VAL B 211 21.61 -22.85 -35.10
N PRO B 212 22.78 -23.44 -34.86
CA PRO B 212 23.16 -24.79 -35.33
C PRO B 212 22.21 -25.87 -34.81
N TYR B 213 21.77 -25.70 -33.56
CA TYR B 213 20.93 -26.70 -32.90
C TYR B 213 19.46 -26.23 -32.85
N LYS B 214 19.05 -25.50 -33.88
CA LYS B 214 17.75 -24.82 -33.82
C LYS B 214 16.58 -25.77 -33.63
N GLU B 215 16.66 -26.94 -34.27
CA GLU B 215 15.59 -27.91 -34.14
C GLU B 215 15.43 -28.38 -32.69
N ALA B 216 16.54 -28.72 -32.05
CA ALA B 216 16.59 -29.03 -30.63
C ALA B 216 16.06 -27.84 -29.77
N LEU B 217 16.45 -26.63 -30.12
CA LEU B 217 16.00 -25.41 -29.40
C LEU B 217 14.47 -25.22 -29.45
N HIS B 218 13.85 -25.50 -30.58
CA HIS B 218 12.40 -25.40 -30.70
C HIS B 218 11.72 -26.47 -29.92
N GLU B 219 12.33 -27.64 -29.88
CA GLU B 219 11.68 -28.83 -29.34
C GLU B 219 11.80 -28.95 -27.82
N GLY B 220 12.92 -28.47 -27.29
CA GLY B 220 13.24 -28.69 -25.91
C GLY B 220 14.60 -29.36 -25.90
N MET B 221 15.50 -28.88 -25.04
CA MET B 221 16.83 -29.47 -24.94
C MET B 221 17.39 -29.25 -23.55
N ASP B 222 18.36 -30.09 -23.16
CA ASP B 222 19.05 -29.93 -21.89
C ASP B 222 20.18 -28.91 -22.03
N LEU B 223 20.67 -28.39 -20.92
CA LEU B 223 21.83 -27.50 -20.95
C LEU B 223 22.97 -28.03 -20.07
N ARG B 224 23.10 -29.35 -20.04
CA ARG B 224 24.32 -29.97 -19.54
C ARG B 224 25.37 -29.66 -20.60
N HIS B 225 26.51 -29.10 -20.17
CA HIS B 225 27.67 -28.84 -21.05
C HIS B 225 27.60 -27.58 -21.91
N LYS B 226 26.41 -27.01 -22.09
CA LYS B 226 26.27 -25.75 -22.82
C LYS B 226 26.36 -24.55 -21.90
N GLN B 227 27.16 -23.57 -22.28
CA GLN B 227 27.27 -22.33 -21.53
C GLN B 227 26.83 -21.19 -22.41
N LEU B 228 25.72 -20.57 -22.06
CA LEU B 228 25.13 -19.58 -22.93
C LEU B 228 25.29 -18.16 -22.39
N ASP B 229 25.58 -17.25 -23.31
CA ASP B 229 25.44 -15.84 -23.08
C ASP B 229 25.17 -15.21 -24.44
N ASP B 230 24.04 -15.59 -25.02
CA ASP B 230 23.78 -15.40 -26.44
C ASP B 230 22.57 -14.52 -26.69
N VAL B 231 22.67 -13.72 -27.74
CA VAL B 231 21.55 -12.90 -28.18
C VAL B 231 20.81 -13.53 -29.37
N PHE B 232 19.66 -14.15 -29.10
CA PHE B 232 18.84 -14.81 -30.11
C PHE B 232 17.84 -13.85 -30.76
N LEU B 233 17.61 -14.02 -32.06
CA LEU B 233 16.63 -13.22 -32.77
C LEU B 233 15.32 -13.97 -32.71
N SER B 234 14.29 -13.30 -32.21
CA SER B 234 12.99 -13.93 -32.13
C SER B 234 12.49 -14.27 -33.54
N SER B 235 12.01 -15.49 -33.72
CA SER B 235 11.63 -16.02 -35.04
C SER B 235 10.34 -15.42 -35.55
N TYR B 236 9.57 -14.83 -34.65
CA TYR B 236 8.26 -14.33 -34.96
C TYR B 236 8.24 -13.41 -36.20
N GLN B 237 9.12 -12.42 -36.19
CA GLN B 237 9.21 -11.42 -37.26
C GLN B 237 9.27 -12.05 -38.67
N LYS B 238 10.14 -13.04 -38.86
CA LYS B 238 10.30 -13.65 -40.18
C LYS B 238 9.45 -14.91 -40.45
N ARG B 239 9.11 -15.65 -39.38
CA ARG B 239 8.39 -16.93 -39.53
C ARG B 239 6.90 -16.93 -39.13
N GLY B 240 6.43 -15.87 -38.47
CA GLY B 240 5.11 -15.87 -37.82
C GLY B 240 5.14 -16.78 -36.59
N GLY B 241 3.96 -17.09 -36.05
CA GLY B 241 3.88 -18.06 -34.95
C GLY B 241 4.07 -17.45 -33.57
N GLU B 242 4.60 -18.24 -32.64
CA GLU B 242 4.70 -17.83 -31.24
C GLU B 242 6.00 -17.05 -30.96
N ASN B 243 6.06 -16.42 -29.78
CA ASN B 243 7.24 -15.74 -29.29
C ASN B 243 7.32 -16.02 -27.81
N GLN B 244 8.16 -16.99 -27.44
CA GLN B 244 8.15 -17.51 -26.07
C GLN B 244 9.32 -18.43 -25.79
N ALA B 245 9.72 -18.41 -24.53
CA ALA B 245 10.67 -19.39 -23.98
C ALA B 245 9.91 -20.31 -23.04
N VAL B 246 10.25 -21.60 -23.04
CA VAL B 246 9.64 -22.58 -22.15
C VAL B 246 10.74 -23.26 -21.32
N ILE B 247 10.48 -23.41 -20.02
CA ILE B 247 11.33 -24.22 -19.15
C ILE B 247 10.44 -25.34 -18.65
N TYR B 248 10.96 -26.56 -18.69
CA TYR B 248 10.22 -27.73 -18.21
C TYR B 248 11.01 -28.45 -17.13
N HIS B 249 10.41 -28.61 -15.95
CA HIS B 249 11.08 -29.31 -14.83
C HIS B 249 10.56 -30.73 -14.82
N GLN B 250 11.46 -31.69 -15.05
CA GLN B 250 11.02 -33.06 -15.37
C GLN B 250 10.42 -33.87 -14.23
N HIS B 251 10.87 -33.66 -12.99
CA HIS B 251 10.37 -34.47 -11.87
C HIS B 251 8.97 -34.12 -11.46
N ALA B 252 8.76 -32.84 -11.11
CA ALA B 252 7.44 -32.34 -10.71
C ALA B 252 6.50 -32.09 -11.90
N HIS B 253 7.02 -32.23 -13.12
CA HIS B 253 6.28 -31.99 -14.37
C HIS B 253 5.72 -30.59 -14.47
N ILE B 254 6.57 -29.58 -14.28
CA ILE B 254 6.10 -28.20 -14.29
C ILE B 254 6.60 -27.58 -15.58
N SER B 255 5.70 -26.94 -16.33
CA SER B 255 6.07 -26.16 -17.51
C SER B 255 5.93 -24.69 -17.19
N ILE B 256 6.98 -23.92 -17.50
CA ILE B 256 6.93 -22.48 -17.37
C ILE B 256 6.97 -21.84 -18.76
N ILE B 257 5.85 -21.23 -19.16
CA ILE B 257 5.73 -20.64 -20.49
C ILE B 257 5.85 -19.13 -20.39
N TYR B 258 6.97 -18.60 -20.89
CA TYR B 258 7.30 -17.21 -20.75
C TYR B 258 7.06 -16.56 -22.11
N LYS B 259 5.88 -15.97 -22.27
CA LYS B 259 5.51 -15.34 -23.54
C LYS B 259 5.86 -13.85 -23.58
N ALA B 260 6.11 -13.32 -24.77
CA ALA B 260 6.33 -11.88 -24.94
C ALA B 260 5.70 -11.44 -26.25
N ASP B 261 5.18 -10.21 -26.31
CA ASP B 261 4.56 -9.71 -27.53
C ASP B 261 5.55 -9.38 -28.67
N GLU B 262 5.01 -8.93 -29.82
CA GLU B 262 5.79 -8.71 -31.02
C GLU B 262 6.88 -7.65 -30.82
N GLN B 263 6.75 -6.85 -29.77
CA GLN B 263 7.83 -5.90 -29.42
C GLN B 263 9.10 -6.55 -28.96
N PHE B 264 9.00 -7.73 -28.37
CA PHE B 264 10.17 -8.40 -27.84
C PHE B 264 10.85 -9.19 -28.95
N LYS B 265 11.67 -8.47 -29.73
CA LYS B 265 12.30 -9.05 -30.92
C LYS B 265 13.61 -9.82 -30.70
N HIS B 266 14.13 -9.82 -29.47
CA HIS B 266 15.36 -10.56 -29.14
C HIS B 266 15.25 -11.21 -27.79
N TRP B 267 15.99 -12.29 -27.59
CA TRP B 267 16.08 -12.98 -26.28
C TRP B 267 17.51 -13.24 -25.99
N VAL B 268 18.02 -12.70 -24.88
CA VAL B 268 19.32 -13.14 -24.36
C VAL B 268 19.09 -14.35 -23.50
N VAL B 269 19.96 -15.35 -23.61
CA VAL B 269 19.94 -16.50 -22.72
C VAL B 269 21.30 -16.60 -22.05
N TYR B 270 21.27 -16.61 -20.72
CA TYR B 270 22.46 -16.68 -19.89
C TYR B 270 22.33 -17.72 -18.77
N ASN B 271 23.35 -18.59 -18.62
CA ASN B 271 23.42 -19.60 -17.53
C ASN B 271 24.78 -19.67 -16.81
N ALA B 272 25.61 -18.63 -16.94
CA ALA B 272 26.92 -18.59 -16.30
C ALA B 272 27.79 -19.75 -16.83
N ASP B 273 28.43 -20.49 -15.93
CA ASP B 273 29.26 -21.63 -16.35
C ASP B 273 28.44 -22.92 -16.44
N GLY B 274 27.11 -22.79 -16.33
CA GLY B 274 26.19 -23.94 -16.40
C GLY B 274 26.13 -24.78 -15.14
N LYS B 275 26.78 -24.33 -14.08
CA LYS B 275 26.82 -25.09 -12.82
C LYS B 275 26.24 -24.29 -11.65
N GLN B 276 25.57 -23.19 -11.97
CA GLN B 276 25.05 -22.27 -10.96
C GLN B 276 23.60 -22.55 -10.56
N GLY B 277 22.95 -23.53 -11.21
CA GLY B 277 21.56 -23.87 -10.89
C GLY B 277 20.50 -22.85 -11.32
N TYR B 278 20.83 -21.96 -12.27
CA TYR B 278 19.82 -21.00 -12.77
C TYR B 278 19.90 -20.75 -14.29
N LEU B 279 18.80 -20.23 -14.84
CA LEU B 279 18.75 -19.85 -16.24
C LEU B 279 18.06 -18.49 -16.43
N CYS B 280 18.60 -17.66 -17.32
CA CYS B 280 17.98 -16.36 -17.61
C CYS B 280 17.57 -16.25 -19.08
N PRO B 281 16.29 -16.52 -19.40
CA PRO B 281 15.72 -16.26 -20.71
C PRO B 281 15.22 -14.82 -20.69
N GLU B 282 15.90 -13.90 -21.38
CA GLU B 282 15.68 -12.47 -21.18
C GLU B 282 15.09 -11.84 -22.43
N PRO B 283 13.78 -11.50 -22.39
CA PRO B 283 13.16 -10.86 -23.56
C PRO B 283 13.50 -9.40 -23.60
N TYR B 284 13.93 -8.92 -24.78
CA TYR B 284 14.29 -7.52 -25.01
C TYR B 284 13.50 -6.95 -26.19
N THR B 285 13.07 -5.68 -26.10
CA THR B 285 12.51 -4.99 -27.24
C THR B 285 13.58 -4.56 -28.23
N TRP B 286 14.81 -4.43 -27.81
CA TRP B 286 15.87 -4.09 -28.73
C TRP B 286 17.15 -4.88 -28.55
N VAL B 287 17.92 -5.05 -29.61
CA VAL B 287 19.13 -5.87 -29.57
C VAL B 287 20.18 -5.06 -28.80
N THR B 288 21.11 -5.74 -28.17
CA THR B 288 22.28 -5.10 -27.56
C THR B 288 22.90 -4.03 -28.45
N ASN B 289 23.15 -2.85 -27.89
CA ASN B 289 23.79 -1.76 -28.62
C ASN B 289 22.97 -1.27 -29.83
N ALA B 290 21.65 -1.46 -29.79
CA ALA B 290 20.76 -1.13 -30.91
C ALA B 290 20.90 0.31 -31.34
N VAL B 291 21.07 1.20 -30.38
CA VAL B 291 21.29 2.64 -30.66
C VAL B 291 22.53 2.95 -31.54
N ASN B 292 23.42 1.98 -31.68
CA ASN B 292 24.69 2.18 -32.39
C ASN B 292 24.77 1.35 -33.69
N LEU B 293 23.65 0.77 -34.09
CA LEU B 293 23.59 -0.09 -35.27
C LEU B 293 22.93 0.63 -36.45
N ASP B 294 23.54 0.57 -37.63
CA ASP B 294 22.92 1.13 -38.81
C ASP B 294 22.10 0.04 -39.52
N LEU B 295 21.10 -0.51 -38.81
CA LEU B 295 20.26 -1.58 -39.34
C LEU B 295 18.79 -1.15 -39.20
N PRO B 296 17.88 -1.73 -40.02
CA PRO B 296 16.47 -1.32 -39.97
C PRO B 296 15.86 -1.53 -38.58
N SER B 297 14.97 -0.62 -38.16
CA SER B 297 14.31 -0.73 -36.84
C SER B 297 13.39 -1.94 -36.71
N SER B 298 12.90 -2.49 -37.82
CA SER B 298 12.15 -3.76 -37.77
C SER B 298 13.02 -4.90 -37.31
N LEU B 299 14.33 -4.78 -37.52
CA LEU B 299 15.27 -5.80 -37.09
C LEU B 299 15.83 -5.52 -35.72
N THR B 300 16.37 -4.31 -35.52
CA THR B 300 16.96 -3.93 -34.21
C THR B 300 15.92 -3.85 -33.09
N GLY B 301 14.68 -3.49 -33.42
CA GLY B 301 13.67 -3.20 -32.39
C GLY B 301 13.79 -1.87 -31.67
N LEU B 302 14.73 -1.03 -32.10
CA LEU B 302 14.79 0.35 -31.60
C LEU B 302 13.44 1.08 -31.77
N GLN B 303 12.95 1.68 -30.69
CA GLN B 303 11.70 2.45 -30.74
C GLN B 303 11.92 3.88 -30.30
N VAL B 304 11.02 4.77 -30.73
CA VAL B 304 11.12 6.18 -30.38
C VAL B 304 9.75 6.62 -29.89
N LEU B 305 9.74 7.34 -28.76
CA LEU B 305 8.53 7.98 -28.26
C LEU B 305 8.59 9.49 -28.43
N GLU B 306 7.64 10.00 -29.20
CA GLU B 306 7.45 11.45 -29.41
C GLU B 306 6.82 12.06 -28.16
N PRO B 307 6.95 13.39 -27.99
CA PRO B 307 6.33 14.08 -26.84
C PRO B 307 4.85 13.70 -26.67
N GLY B 308 4.46 13.28 -25.46
CA GLY B 308 3.05 13.01 -25.16
C GLY B 308 2.60 11.60 -25.51
N GLU B 309 3.51 10.81 -26.07
CA GLU B 309 3.22 9.45 -26.48
C GLU B 309 3.55 8.44 -25.37
N GLU B 310 2.95 7.26 -25.48
CA GLU B 310 3.22 6.14 -24.58
C GLU B 310 3.05 4.81 -25.33
N THR B 311 3.85 3.82 -24.93
CA THR B 311 3.76 2.47 -25.47
C THR B 311 3.76 1.46 -24.34
N THR B 312 2.93 0.42 -24.50
CA THR B 312 2.89 -0.73 -23.57
C THR B 312 3.45 -2.00 -24.21
N ALA B 313 4.46 -2.57 -23.58
CA ALA B 313 5.11 -3.79 -24.04
C ALA B 313 4.71 -4.92 -23.11
N LYS B 314 4.12 -5.98 -23.68
CA LYS B 314 3.51 -7.02 -22.85
C LYS B 314 4.28 -8.34 -22.83
N SER B 315 4.39 -8.92 -21.63
CA SER B 315 4.90 -10.27 -21.49
C SER B 315 4.18 -10.98 -20.33
N SER B 316 4.39 -12.28 -20.18
CA SER B 316 3.65 -13.06 -19.18
C SER B 316 4.35 -14.39 -18.92
N ILE B 317 4.19 -14.88 -17.70
CA ILE B 317 4.72 -16.16 -17.27
C ILE B 317 3.55 -17.02 -16.80
N THR B 318 3.36 -18.16 -17.47
CA THR B 318 2.28 -19.08 -17.16
C THR B 318 2.85 -20.39 -16.62
N ILE B 319 2.21 -20.93 -15.58
CA ILE B 319 2.66 -22.17 -14.96
C ILE B 319 1.62 -23.27 -15.22
N GLU B 320 2.09 -24.37 -15.82
CA GLU B 320 1.23 -25.51 -16.12
C GLU B 320 1.79 -26.74 -15.46
N LEU B 321 0.91 -27.60 -14.98
CA LEU B 321 1.33 -28.89 -14.40
C LEU B 321 0.49 -30.04 -14.89
N ASN B 322 1.12 -31.19 -15.10
CA ASN B 322 0.45 -32.32 -15.71
C ASN B 322 0.80 -33.62 -15.02
N HIS B 323 0.11 -34.69 -15.43
CA HIS B 323 0.40 -36.02 -14.96
C HIS B 323 0.98 -36.84 -16.06
C1 GLC C . -10.60 14.58 41.65
C2 GLC C . -10.47 14.08 43.10
C3 GLC C . -9.44 14.94 43.85
C4 GLC C . -8.13 14.81 43.07
C5 GLC C . -8.29 15.32 41.63
C6 GLC C . -6.97 15.18 40.83
O2 GLC C . -11.75 14.11 43.76
O3 GLC C . -9.22 14.40 45.15
O4 GLC C . -7.19 15.63 43.72
O5 GLC C . -9.33 14.55 41.00
O6 GLC C . -7.10 15.79 39.53
C1 GLC C . -11.31 16.49 40.39
C2 GLC C . -11.76 17.94 40.50
C3 GLC C . -13.12 18.00 41.14
C4 GLC C . -14.08 17.15 40.37
C5 GLC C . -13.58 15.69 40.27
C6 GLC C . -14.46 14.71 39.48
O1 GLC C . -11.12 15.92 41.72
O2 GLC C . -10.89 18.73 41.31
O3 GLC C . -13.58 19.36 41.10
O4 GLC C . -15.30 17.34 41.07
O5 GLC C . -12.26 15.70 39.67
O6 GLC C . -14.58 15.15 38.12
C1 GLC D . 29.48 2.06 -32.71
C2 GLC D . 29.68 2.92 -33.95
C3 GLC D . 30.88 3.84 -33.69
C4 GLC D . 30.58 4.73 -32.48
C5 GLC D . 30.23 3.86 -31.26
C6 GLC D . 29.63 4.64 -30.10
O2 GLC D . 29.89 2.02 -35.05
O3 GLC D . 31.07 4.67 -34.85
O4 GLC D . 31.68 5.64 -32.23
O5 GLC D . 29.22 2.88 -31.57
O6 GLC D . 29.59 3.76 -28.95
C1 GLC D . 30.61 0.37 -31.47
C2 GLC D . 31.93 -0.41 -31.38
C3 GLC D . 32.07 -1.43 -32.50
C4 GLC D . 30.83 -2.30 -32.55
C5 GLC D . 29.57 -1.43 -32.73
C6 GLC D . 28.29 -2.25 -32.88
O1 GLC D . 30.67 1.29 -32.58
O2 GLC D . 33.05 0.47 -31.45
O3 GLC D . 33.17 -2.31 -32.24
O4 GLC D . 31.03 -3.22 -33.61
O5 GLC D . 29.48 -0.51 -31.63
O6 GLC D . 28.13 -3.13 -31.74
C1 PGE E . 9.40 -2.36 29.20
O1 PGE E . 9.21 -2.29 27.76
C2 PGE E . 9.30 -0.99 29.87
O2 PGE E . 8.18 -0.93 30.78
C3 PGE E . 7.71 0.42 30.96
C4 PGE E . 6.21 0.41 31.26
O4 PGE E . 3.77 -0.80 30.32
C6 PGE E . 3.53 -0.40 31.66
C5 PGE E . 4.71 -0.70 32.61
O3 PGE E . 5.74 0.18 32.63
C1 CIT F . -11.73 20.19 20.74
O1 CIT F . -11.87 19.47 19.74
O2 CIT F . -10.75 20.03 21.52
C2 CIT F . -12.78 21.25 21.00
C3 CIT F . -13.50 21.09 22.34
O7 CIT F . -12.56 21.38 23.40
C4 CIT F . -14.65 22.11 22.38
C5 CIT F . -15.26 22.32 23.76
O3 CIT F . -15.24 21.38 24.60
O4 CIT F . -15.78 23.43 24.02
C6 CIT F . -14.09 19.70 22.59
O5 CIT F . -15.14 19.61 23.28
O6 CIT F . -13.51 18.67 22.15
C1 CIT G . 2.42 -38.37 -18.74
O1 CIT G . 2.47 -37.17 -19.15
O2 CIT G . 2.90 -38.73 -17.64
C2 CIT G . 1.75 -39.40 -19.62
C3 CIT G . 2.16 -40.84 -19.32
O7 CIT G . 2.42 -41.02 -17.92
C4 CIT G . 1.05 -41.80 -19.72
C5 CIT G . -0.16 -41.80 -18.80
O3 CIT G . -0.03 -41.36 -17.63
O4 CIT G . -1.25 -42.25 -19.25
C6 CIT G . 3.42 -41.19 -20.10
O5 CIT G . 3.67 -40.45 -21.08
O6 CIT G . 4.14 -42.18 -19.75
C ACT H . 25.27 -10.68 -17.91
O ACT H . 24.31 -9.89 -17.74
OXT ACT H . 25.59 -11.15 -19.05
CH3 ACT H . 26.11 -11.06 -16.72
#